data_7OP3
#
_entry.id   7OP3
#
_cell.length_a   1.00
_cell.length_b   1.00
_cell.length_c   1.00
_cell.angle_alpha   90.00
_cell.angle_beta   90.00
_cell.angle_gamma   90.00
#
_symmetry.space_group_name_H-M   'P 1'
#
loop_
_entity.id
_entity.type
_entity.pdbx_description
1 polymer 'Cation-transporting ATPase'
2 non-polymer SPERMINE
#
_entity_poly.entity_id   1
_entity_poly.type   'polypeptide(L)'
_entity_poly.pdbx_seq_one_letter_code
;MDGSRGTAPGGDDLRGDRRDSYQGEDREDSHLLGALEDGNHQQSQGHGGGSGFYHHNVNSSSASVLEGVEMAHDELFAGP
VAESVPTSVSAFSHRHGRAESVASFSFYHEQDDQREELEAPPGSLGARLSIDDLDELPFEEEGLSESEMPEQLDTFGIDL
EWGSMNNGYPLIRRSSTHSQFSAHHRLLRRESGVSAASGYTGGRSSQKMRLDNDDLTIAISGFITNRIGFAIYIVLCVLT
GGIAWLFLRWYPKYYVKLVGCATPFRDCQWVVIEDHFNKMTILSIRVKPYNRPLSTVFGTPSRATSWPLAQDPDPVLREL
RSITYCYYKFYYHPVLDKFFCCNGWKDPQWNSMQNARSGLHGDEKAHREAVFGPNSIDVDEQSILQLLVSEILTPFYAFQ
VFSLILWLCDEYYYYAAAILLISAGSIITSLLETKETRRRLREMSRFECEVRVFRGGFWRTFPSSDLVPGDVYEVSDPSL
TQIPADSLLLTGDCIVNESMLTGESVAVSKTPATNETLAKLNPAASTFSHDVDKHFLYCGTKLIRARQRLADTDEAAAVA
LVVRTGFNTTRGALVRSMLVPKPSKFKFYEDSFRYLKVMGCLAGLAFIVSLVNFIRLKLHWTLILLRALDLLTIVVPPAL
PATLTIGTSFAVQRLKGKKIFCTSPQRVNVGGKIDLMCFDKTGTLTEEGLDVLGIRVASRVSNRFTELLTNVDDLTWSCD
SVSNGDEVKPADHVDGSSLKKDKTKPLDPYRAALYVMASCHSLRIVDGVAVGDPLEVKMFEFTGWSYEEGFIAGEVISTE
GRGDISPSIARPPRYMTSQEMSIGEAPPAVGVLRAFDFNPLLRRSSVIARVVGNSGGYALVKGSPECMPEICRPETLPSD
FDELLSYYTHAGYRVIACATKRIPKLNLVSVNRMTRDEVESGLDFVGFIIFENKLKPTTTSVIKELLSSNIGTVMITGDN
IRTAVSVARQCGIIEEHAHCYMPRFIEGNADDCNAKLRWESINNPALELDPWTLLPMPVPPQTDASLPYDVSNIRNYAIA
VTGDVFRWIVDHAPTDVLHRMLVLGKVYARMSPDEKQELVKKFQSIDYSCGFCGDGANDCAALKAADVGISLSEAEASVA
APFTSQIFDIRCVPEVIREGRASLVTSFSCFKYMSLYSFIQFTSVSFLYVSASNLGDFQFLYIDLMLILPIAVFMSWAGP
HSKLCAKRPVSDLVSRKVLVPLLSHVFVCVMIQALAWVAVRQQPWYIPPIVDTEKSNIENSENTTLFFASCFEYILSGVV
LNAGRPFRQSPLETWPFLSAVAVTLIATLLMLLVPPYWLFEFMQLTWMSWTFKITLIAFGFVYFLIAWTGEHYLFLWLAR
FLGRMRQRLFKQPKQRKLYKIVKEKLVFENLYFQ
;
_entity_poly.pdbx_strand_id   A
#
loop_
_chem_comp.id
_chem_comp.type
_chem_comp.name
_chem_comp.formula
SPM non-polymer SPERMINE 'C10 H26 N4'
#
# COMPACT_ATOMS: atom_id res chain seq x y z
N GLY A 203 1.80 44.08 -8.13
CA GLY A 203 0.56 43.34 -8.15
C GLY A 203 0.48 42.26 -7.09
N ARG A 204 -0.20 41.16 -7.41
CA ARG A 204 -0.33 40.04 -6.49
C ARG A 204 0.95 39.21 -6.50
N SER A 205 1.36 38.77 -5.31
CA SER A 205 2.62 38.05 -5.14
C SER A 205 2.41 36.56 -4.87
N SER A 206 1.65 36.23 -3.84
CA SER A 206 1.51 34.84 -3.38
C SER A 206 0.09 34.36 -3.63
N GLN A 207 -0.03 33.20 -4.27
CA GLN A 207 -1.32 32.59 -4.58
C GLN A 207 -1.50 31.35 -3.71
N LYS A 208 -2.48 31.39 -2.83
CA LYS A 208 -2.81 30.26 -1.96
C LYS A 208 -4.09 29.62 -2.51
N MET A 209 -3.93 28.48 -3.17
CA MET A 209 -5.06 27.72 -3.69
C MET A 209 -4.87 26.25 -3.36
N ARG A 210 -5.98 25.56 -3.12
CA ARG A 210 -5.93 24.13 -2.90
C ARG A 210 -5.84 23.43 -4.25
N LEU A 211 -5.15 22.28 -4.26
CA LEU A 211 -5.11 21.44 -5.45
C LEU A 211 -6.43 20.71 -5.64
N ASP A 212 -6.65 20.24 -6.88
CA ASP A 212 -7.93 19.65 -7.25
C ASP A 212 -8.29 18.48 -6.33
N ASN A 213 -7.32 17.60 -6.09
CA ASN A 213 -7.50 16.56 -5.08
C ASN A 213 -7.46 17.19 -3.70
N ASP A 214 -8.40 16.80 -2.84
CA ASP A 214 -8.53 17.41 -1.52
C ASP A 214 -7.31 17.17 -0.63
N ASP A 215 -6.63 16.04 -0.81
CA ASP A 215 -5.52 15.67 0.07
C ASP A 215 -4.35 16.66 0.00
N LEU A 216 -3.97 17.08 -1.19
CA LEU A 216 -2.79 17.93 -1.39
C LEU A 216 -3.18 19.40 -1.53
N THR A 217 -2.47 20.26 -0.79
CA THR A 217 -2.64 21.70 -0.86
C THR A 217 -1.26 22.33 -1.02
N ILE A 218 -1.18 23.48 -1.68
CA ILE A 218 0.08 24.20 -1.87
C ILE A 218 -0.17 25.70 -1.80
N ALA A 219 0.93 26.46 -1.64
CA ALA A 219 0.91 27.92 -1.58
C ALA A 219 2.05 28.46 -2.47
N ILE A 220 1.76 28.57 -3.77
CA ILE A 220 2.77 28.96 -4.75
C ILE A 220 3.21 30.41 -4.51
N SER A 221 4.49 30.60 -4.21
CA SER A 221 5.07 31.92 -3.97
C SER A 221 6.16 32.24 -4.99
N GLY A 222 5.97 33.32 -5.75
CA GLY A 222 6.86 33.75 -6.82
C GLY A 222 8.02 34.63 -6.41
N PHE A 223 9.05 34.04 -5.81
CA PHE A 223 10.24 34.76 -5.39
C PHE A 223 11.17 35.10 -6.57
N ILE A 224 12.02 36.12 -6.37
CA ILE A 224 12.87 36.65 -7.44
C ILE A 224 14.03 35.70 -7.72
N THR A 225 14.64 35.89 -8.89
CA THR A 225 15.68 35.06 -9.48
C THR A 225 16.90 34.94 -8.60
N ASN A 226 17.59 36.07 -8.41
CA ASN A 226 18.86 36.15 -7.69
C ASN A 226 19.14 37.63 -7.44
N ARG A 227 20.29 37.89 -6.83
CA ARG A 227 20.75 39.23 -6.50
C ARG A 227 22.25 39.29 -6.72
N ILE A 228 22.78 40.52 -6.85
CA ILE A 228 24.22 40.76 -6.99
C ILE A 228 25.01 39.99 -5.94
N GLY A 229 24.42 39.77 -4.77
CA GLY A 229 24.98 39.07 -3.63
C GLY A 229 25.11 37.57 -3.81
N PHE A 230 24.72 37.04 -4.97
CA PHE A 230 24.92 35.62 -5.24
C PHE A 230 26.40 35.27 -5.30
N ALA A 231 27.22 36.16 -5.86
CA ALA A 231 28.66 35.92 -5.86
C ALA A 231 29.20 35.99 -4.44
N ILE A 232 28.69 36.93 -3.64
CA ILE A 232 29.06 37.00 -2.22
C ILE A 232 28.57 35.75 -1.50
N TYR A 233 27.35 35.30 -1.81
CA TYR A 233 26.85 34.02 -1.34
C TYR A 233 27.80 32.87 -1.68
N ILE A 234 28.27 32.82 -2.94
CA ILE A 234 29.09 31.71 -3.40
C ILE A 234 30.41 31.64 -2.62
N VAL A 235 31.10 32.77 -2.49
CA VAL A 235 32.40 32.77 -1.80
C VAL A 235 32.23 32.48 -0.31
N LEU A 236 31.26 33.13 0.34
CA LEU A 236 31.11 33.01 1.78
C LEU A 236 30.47 31.69 2.23
N CYS A 237 29.91 30.90 1.32
CA CYS A 237 29.28 29.64 1.72
C CYS A 237 29.90 28.39 1.11
N VAL A 238 30.86 28.52 0.20
CA VAL A 238 31.56 27.36 -0.34
C VAL A 238 33.04 27.33 0.06
N LEU A 239 33.59 28.44 0.52
CA LEU A 239 34.96 28.44 1.06
C LEU A 239 35.08 27.53 2.28
N THR A 240 34.03 27.43 3.09
CA THR A 240 34.01 26.42 4.15
C THR A 240 33.63 25.05 3.62
N GLY A 241 32.76 24.98 2.63
CA GLY A 241 32.39 23.73 2.01
C GLY A 241 31.22 23.00 2.64
N GLY A 242 30.71 23.48 3.77
CA GLY A 242 29.62 22.79 4.43
C GLY A 242 28.42 23.65 4.75
N ILE A 243 28.30 24.80 4.06
CA ILE A 243 27.20 25.72 4.26
C ILE A 243 26.19 25.65 3.11
N ALA A 244 26.64 25.97 1.90
CA ALA A 244 25.74 26.00 0.74
C ALA A 244 25.19 24.62 0.41
N TRP A 245 26.05 23.70 -0.04
CA TRP A 245 25.56 22.44 -0.61
C TRP A 245 24.97 21.53 0.46
N LEU A 246 25.39 21.67 1.71
CA LEU A 246 24.82 20.87 2.79
C LEU A 246 23.72 21.57 3.57
N PHE A 247 24.03 22.69 4.22
CA PHE A 247 23.10 23.24 5.20
C PHE A 247 21.91 23.90 4.52
N LEU A 248 22.14 24.60 3.40
CA LEU A 248 21.06 25.29 2.72
C LEU A 248 20.30 24.38 1.76
N ARG A 249 20.73 23.13 1.61
CA ARG A 249 19.91 22.10 0.99
C ARG A 249 19.04 21.38 2.01
N TRP A 250 19.49 21.32 3.27
CA TRP A 250 18.71 20.70 4.33
C TRP A 250 17.66 21.66 4.87
N TYR A 251 17.95 22.95 4.85
CA TYR A 251 17.09 24.00 5.39
C TYR A 251 16.85 25.08 4.33
N PRO A 252 15.97 24.82 3.35
CA PRO A 252 15.84 25.78 2.23
C PRO A 252 15.27 27.14 2.63
N LYS A 253 14.63 27.24 3.81
CA LYS A 253 13.96 28.46 4.24
C LYS A 253 14.89 29.68 4.19
N TYR A 254 16.15 29.48 4.58
CA TYR A 254 17.09 30.59 4.65
C TYR A 254 17.68 30.92 3.28
N TYR A 255 18.07 29.90 2.51
CA TYR A 255 18.54 30.04 1.14
C TYR A 255 17.66 31.00 0.32
N VAL A 256 16.35 30.76 0.32
CA VAL A 256 15.41 31.60 -0.41
C VAL A 256 15.21 32.96 0.25
N LYS A 257 15.65 33.12 1.50
CA LYS A 257 15.64 34.40 2.21
C LYS A 257 16.97 35.12 2.09
N LEU A 258 17.89 34.62 1.27
CA LEU A 258 19.17 35.26 1.01
C LEU A 258 19.30 35.62 -0.47
N VAL A 259 19.25 34.64 -1.37
CA VAL A 259 19.44 34.89 -2.79
C VAL A 259 18.30 35.72 -3.37
N GLY A 260 17.15 35.75 -2.70
CA GLY A 260 15.98 36.42 -3.24
C GLY A 260 15.26 37.31 -2.26
N CYS A 261 14.58 38.32 -2.79
CA CYS A 261 13.69 39.19 -2.03
C CYS A 261 12.26 38.88 -2.43
N ALA A 262 11.61 39.71 -3.24
CA ALA A 262 10.26 39.35 -3.69
C ALA A 262 9.94 40.05 -5.01
N THR A 263 9.04 39.42 -5.79
CA THR A 263 8.48 39.96 -7.02
C THR A 263 7.01 39.65 -7.23
N PRO A 264 6.12 40.63 -7.16
CA PRO A 264 4.71 40.33 -7.48
C PRO A 264 4.59 39.89 -8.93
N PHE A 265 5.40 40.48 -9.82
CA PHE A 265 5.35 40.20 -11.24
C PHE A 265 5.97 38.83 -11.49
N ARG A 266 5.14 37.84 -11.84
CA ARG A 266 5.62 36.48 -12.03
C ARG A 266 6.24 36.30 -13.42
N ASP A 267 7.31 37.06 -13.65
CA ASP A 267 8.15 37.00 -14.84
C ASP A 267 9.62 36.81 -14.44
N CYS A 268 9.85 35.88 -13.53
CA CYS A 268 11.19 35.57 -13.02
C CYS A 268 11.68 34.23 -13.57
N GLN A 269 12.94 33.94 -13.27
CA GLN A 269 13.59 32.73 -13.77
C GLN A 269 13.12 31.47 -13.03
N TRP A 270 12.98 31.54 -11.70
CA TRP A 270 12.55 30.37 -10.96
C TRP A 270 11.57 30.80 -9.87
N VAL A 271 10.74 29.83 -9.46
CA VAL A 271 9.72 30.03 -8.44
C VAL A 271 9.82 28.89 -7.43
N VAL A 272 9.65 29.21 -6.16
CA VAL A 272 9.65 28.23 -5.08
C VAL A 272 8.22 27.80 -4.83
N ILE A 273 8.04 26.57 -4.35
CA ILE A 273 6.73 25.98 -4.14
C ILE A 273 6.64 25.57 -2.69
N GLU A 274 5.62 26.04 -2.00
CA GLU A 274 5.34 25.66 -0.61
C GLU A 274 4.08 24.80 -0.56
N ASP A 275 4.15 23.69 0.17
CA ASP A 275 3.01 22.81 0.35
C ASP A 275 2.53 22.86 1.79
N HIS A 276 1.55 22.01 2.13
CA HIS A 276 0.98 21.99 3.46
C HIS A 276 1.85 21.26 4.47
N PHE A 277 2.90 20.56 4.03
CA PHE A 277 3.81 19.85 4.91
C PHE A 277 5.11 20.61 5.15
N ASN A 278 5.11 21.91 4.85
CA ASN A 278 6.24 22.82 5.11
C ASN A 278 7.53 22.38 4.43
N LYS A 279 7.43 21.69 3.29
CA LYS A 279 8.59 21.27 2.53
C LYS A 279 8.58 22.04 1.20
N MET A 280 9.65 22.75 0.92
CA MET A 280 9.72 23.57 -0.29
C MET A 280 10.76 23.04 -1.26
N THR A 281 10.41 23.08 -2.55
CA THR A 281 11.31 22.72 -3.65
C THR A 281 11.49 23.95 -4.52
N ILE A 282 12.49 23.90 -5.41
CA ILE A 282 12.77 24.99 -6.33
C ILE A 282 12.85 24.43 -7.75
N LEU A 283 12.05 25.02 -8.66
CA LEU A 283 12.02 24.66 -10.07
C LEU A 283 11.91 25.93 -10.90
N SER A 284 12.61 25.94 -12.03
CA SER A 284 12.72 27.13 -12.86
C SER A 284 11.44 27.34 -13.67
N ILE A 285 11.48 28.37 -14.53
CA ILE A 285 10.38 28.71 -15.42
C ILE A 285 10.77 28.32 -16.84
N ARG A 286 9.92 27.52 -17.49
CA ARG A 286 10.18 27.12 -18.86
C ARG A 286 9.64 28.18 -19.82
N VAL A 287 10.32 28.32 -20.96
CA VAL A 287 10.06 29.39 -21.92
C VAL A 287 9.57 28.79 -23.22
N LYS A 288 8.42 29.26 -23.71
CA LYS A 288 7.90 28.88 -25.00
C LYS A 288 7.65 30.11 -25.85
N PRO A 289 8.02 30.08 -27.14
CA PRO A 289 7.97 31.30 -27.96
C PRO A 289 6.57 31.85 -28.21
N TYR A 290 5.67 31.04 -28.76
CA TYR A 290 4.41 31.55 -29.30
C TYR A 290 3.25 30.65 -28.90
N ASN A 291 2.21 31.26 -28.34
CA ASN A 291 0.92 30.59 -28.15
C ASN A 291 -0.15 31.68 -28.14
N ARG A 292 -0.80 31.89 -29.28
CA ARG A 292 -1.74 32.99 -29.44
C ARG A 292 -3.14 32.82 -28.82
N PRO A 293 -3.81 31.66 -28.83
CA PRO A 293 -5.19 31.65 -28.35
C PRO A 293 -5.26 31.76 -26.83
N LEU A 294 -6.23 32.54 -26.35
CA LEU A 294 -6.48 32.62 -24.92
C LEU A 294 -7.20 31.39 -24.38
N SER A 295 -7.85 30.62 -25.25
CA SER A 295 -8.56 29.43 -24.82
C SER A 295 -7.64 28.28 -24.45
N THR A 296 -6.35 28.36 -24.81
CA THR A 296 -5.40 27.34 -24.38
C THR A 296 -5.23 27.34 -22.86
N VAL A 297 -5.02 28.52 -22.29
CA VAL A 297 -4.97 28.63 -20.83
C VAL A 297 -6.36 28.46 -20.24
N PHE A 298 -7.38 29.00 -20.91
CA PHE A 298 -8.76 28.92 -20.44
C PHE A 298 -9.30 27.50 -20.49
N PRO A 315 -7.05 38.18 -26.92
CA PRO A 315 -6.13 38.74 -27.91
C PRO A 315 -5.01 37.76 -28.29
N VAL A 316 -3.76 38.12 -27.99
CA VAL A 316 -2.61 37.30 -28.29
C VAL A 316 -1.76 37.19 -27.03
N LEU A 317 -1.13 36.03 -26.85
CA LEU A 317 -0.26 35.79 -25.71
C LEU A 317 1.13 35.39 -26.20
N ARG A 318 2.15 35.96 -25.56
CA ARG A 318 3.54 35.67 -25.90
C ARG A 318 4.30 35.32 -24.63
N GLU A 319 5.24 34.37 -24.77
CA GLU A 319 6.14 33.94 -23.69
C GLU A 319 5.35 33.44 -22.48
N LEU A 320 4.65 32.33 -22.69
CA LEU A 320 3.87 31.71 -21.63
C LEU A 320 4.76 31.27 -20.48
N ARG A 321 4.26 31.43 -19.26
CA ARG A 321 5.00 31.07 -18.05
C ARG A 321 4.34 29.82 -17.48
N SER A 322 5.13 28.77 -17.28
CA SER A 322 4.56 27.51 -16.83
C SER A 322 5.55 26.76 -15.96
N ILE A 323 5.01 25.98 -15.01
CA ILE A 323 5.80 25.08 -14.18
C ILE A 323 5.13 23.72 -14.16
N THR A 324 5.90 22.71 -13.75
CA THR A 324 5.38 21.38 -13.49
C THR A 324 5.86 20.91 -12.11
N TYR A 325 4.95 20.97 -11.14
CA TYR A 325 5.24 20.58 -9.77
C TYR A 325 4.48 19.30 -9.44
N CYS A 326 5.22 18.26 -9.07
CA CYS A 326 4.73 16.88 -8.86
C CYS A 326 3.74 16.47 -9.94
N TYR A 327 4.15 16.68 -11.19
CA TYR A 327 3.40 16.32 -12.40
C TYR A 327 2.05 17.04 -12.48
N TYR A 328 1.96 18.20 -11.83
CA TYR A 328 0.87 19.15 -12.02
C TYR A 328 1.39 20.31 -12.85
N LYS A 329 0.74 20.57 -13.98
CA LYS A 329 1.18 21.61 -14.89
C LYS A 329 0.41 22.89 -14.58
N PHE A 330 1.13 23.91 -14.11
CA PHE A 330 0.56 25.21 -13.77
C PHE A 330 0.92 26.21 -14.85
N TYR A 331 -0.09 26.88 -15.40
CA TYR A 331 0.09 27.87 -16.45
C TYR A 331 -0.27 29.24 -15.91
N TYR A 332 0.57 30.23 -16.23
CA TYR A 332 0.38 31.60 -15.80
C TYR A 332 -0.27 32.39 -16.93
N HIS A 333 -1.39 33.05 -16.62
CA HIS A 333 -2.13 33.75 -17.66
C HIS A 333 -1.89 35.24 -17.50
N PRO A 334 -1.46 35.93 -18.56
CA PRO A 334 -0.95 37.32 -18.38
C PRO A 334 -1.98 38.35 -17.98
N VAL A 335 -3.19 38.32 -18.54
CA VAL A 335 -4.17 39.36 -18.24
C VAL A 335 -4.68 39.21 -16.81
N LEU A 336 -5.02 37.98 -16.40
CA LEU A 336 -5.51 37.73 -15.06
C LEU A 336 -4.40 37.67 -14.02
N ASP A 337 -3.14 37.58 -14.45
CA ASP A 337 -1.96 37.61 -13.57
C ASP A 337 -2.02 36.52 -12.49
N LYS A 338 -2.42 35.31 -12.89
CA LYS A 338 -2.58 34.23 -11.93
C LYS A 338 -2.17 32.90 -12.57
N PHE A 339 -1.91 31.93 -11.70
CA PHE A 339 -1.56 30.56 -12.10
C PHE A 339 -2.79 29.68 -11.96
N PHE A 340 -3.05 28.87 -12.99
CA PHE A 340 -4.14 27.90 -12.98
C PHE A 340 -3.62 26.54 -13.38
N CYS A 341 -4.27 25.51 -12.83
CA CYS A 341 -3.98 24.12 -13.16
C CYS A 341 -5.12 23.44 -13.90
N CYS A 342 -6.27 24.10 -14.03
CA CYS A 342 -7.40 23.50 -14.73
C CYS A 342 -7.12 23.44 -16.22
N ASN A 343 -7.30 22.26 -16.80
CA ASN A 343 -7.06 21.99 -18.21
C ASN A 343 -8.30 21.38 -18.85
N GLY A 344 -9.45 21.99 -18.59
CA GLY A 344 -10.70 21.47 -19.11
C GLY A 344 -11.00 21.95 -20.52
N TRP A 345 -10.95 23.26 -20.77
CA TRP A 345 -11.28 23.74 -22.10
C TRP A 345 -10.19 23.35 -23.08
N LYS A 346 -8.96 23.81 -22.82
CA LYS A 346 -7.73 23.43 -23.55
C LYS A 346 -7.87 23.57 -25.07
N ASP A 347 -8.38 24.72 -25.50
CA ASP A 347 -8.47 25.11 -26.91
C ASP A 347 -9.16 24.00 -27.72
N PRO A 348 -10.43 23.72 -27.41
CA PRO A 348 -11.08 22.55 -28.04
C PRO A 348 -11.23 22.60 -29.54
N GLN A 349 -11.71 23.73 -30.08
CA GLN A 349 -12.02 23.94 -31.49
C GLN A 349 -12.64 22.72 -32.19
N TRP A 350 -13.63 22.07 -31.54
CA TRP A 350 -14.28 20.97 -32.25
C TRP A 350 -15.18 21.49 -33.37
N ASN A 351 -15.94 22.55 -33.09
CA ASN A 351 -16.92 23.14 -34.03
C ASN A 351 -17.93 22.04 -34.37
N SER A 352 -18.06 21.61 -35.61
CA SER A 352 -19.05 20.62 -35.98
C SER A 352 -18.37 19.29 -36.32
N MET A 353 -19.18 18.32 -36.74
CA MET A 353 -18.68 16.98 -37.04
C MET A 353 -17.78 16.97 -38.26
N GLN A 354 -18.11 17.74 -39.30
CA GLN A 354 -17.32 17.72 -40.52
C GLN A 354 -15.92 18.30 -40.29
N ASN A 355 -15.78 19.23 -39.34
CA ASN A 355 -14.46 19.70 -38.97
C ASN A 355 -13.73 18.68 -38.09
N ALA A 356 -14.47 17.97 -37.24
CA ALA A 356 -13.86 16.97 -36.37
C ALA A 356 -13.30 15.79 -37.17
N ARG A 357 -14.01 15.35 -38.20
CA ARG A 357 -13.51 14.27 -39.04
C ARG A 357 -12.37 14.72 -39.95
N SER A 358 -12.18 16.03 -40.12
CA SER A 358 -11.12 16.54 -40.97
C SER A 358 -9.74 16.39 -40.35
N GLY A 359 -9.65 16.01 -39.08
CA GLY A 359 -8.35 15.91 -38.43
C GLY A 359 -7.84 17.25 -38.01
N LEU A 360 -6.57 17.53 -38.31
CA LEU A 360 -5.96 18.80 -37.95
C LEU A 360 -4.83 19.06 -38.94
N HIS A 361 -5.04 19.98 -39.86
CA HIS A 361 -4.07 20.28 -40.90
C HIS A 361 -2.97 21.20 -40.36
N GLY A 362 -1.90 21.32 -41.15
CA GLY A 362 -0.83 22.24 -40.85
C GLY A 362 0.11 21.76 -39.76
N ASP A 363 0.95 22.69 -39.32
CA ASP A 363 1.94 22.45 -38.28
C ASP A 363 1.41 22.73 -36.87
N GLU A 364 0.12 23.06 -36.74
CA GLU A 364 -0.46 23.41 -35.45
C GLU A 364 -0.39 22.28 -34.44
N LYS A 365 -0.22 21.04 -34.90
CA LYS A 365 0.02 19.92 -34.00
C LYS A 365 1.25 20.18 -33.14
N ALA A 366 2.33 20.69 -33.74
CA ALA A 366 3.48 21.12 -32.96
C ALA A 366 3.10 22.26 -32.01
N HIS A 367 2.27 23.20 -32.50
CA HIS A 367 1.74 24.25 -31.64
C HIS A 367 0.82 23.70 -30.55
N ARG A 368 0.28 22.50 -30.74
CA ARG A 368 -0.48 21.82 -29.71
C ARG A 368 0.32 20.72 -29.03
N GLU A 369 1.63 20.65 -29.29
CA GLU A 369 2.48 19.64 -28.66
C GLU A 369 3.24 20.23 -27.47
N ALA A 370 4.03 21.28 -27.70
CA ALA A 370 4.83 21.87 -26.64
C ALA A 370 3.98 22.48 -25.53
N VAL A 371 2.72 22.81 -25.82
CA VAL A 371 1.83 23.31 -24.78
C VAL A 371 1.31 22.18 -23.90
N PHE A 372 1.29 20.93 -24.38
CA PHE A 372 0.70 19.86 -23.59
C PHE A 372 1.49 18.57 -23.53
N GLY A 373 2.53 18.39 -24.36
CA GLY A 373 3.34 17.20 -24.34
C GLY A 373 2.65 15.99 -24.94
N PRO A 374 3.33 14.85 -24.89
CA PRO A 374 2.76 13.62 -25.45
C PRO A 374 1.89 12.83 -24.47
N ASN A 375 1.43 11.66 -24.91
CA ASN A 375 0.71 10.74 -24.02
C ASN A 375 1.62 10.06 -23.02
N SER A 376 2.94 10.20 -23.16
CA SER A 376 3.87 9.56 -22.22
C SER A 376 3.66 10.12 -20.83
N ILE A 377 3.55 9.21 -19.86
CA ILE A 377 3.33 9.57 -18.46
C ILE A 377 4.50 9.06 -17.63
N ASP A 378 5.69 9.00 -18.25
CA ASP A 378 6.87 8.49 -17.58
C ASP A 378 7.27 9.40 -16.42
N VAL A 379 7.79 8.79 -15.36
CA VAL A 379 8.20 9.50 -14.16
C VAL A 379 9.50 10.25 -14.42
N ASP A 380 9.89 11.13 -13.51
CA ASP A 380 11.16 11.84 -13.61
C ASP A 380 12.28 10.86 -13.32
N GLU A 381 12.91 10.34 -14.37
CA GLU A 381 13.99 9.37 -14.22
C GLU A 381 15.24 10.12 -13.78
N GLN A 382 15.41 10.24 -12.46
CA GLN A 382 16.59 10.88 -11.90
C GLN A 382 17.83 10.02 -12.16
N SER A 383 18.93 10.68 -12.50
CA SER A 383 20.17 9.97 -12.76
C SER A 383 20.78 9.48 -11.45
N ILE A 384 21.81 8.64 -11.57
CA ILE A 384 22.51 8.12 -10.40
C ILE A 384 23.20 9.26 -9.66
N LEU A 385 23.70 10.25 -10.39
CA LEU A 385 24.35 11.40 -9.79
C LEU A 385 23.38 12.28 -9.00
N GLN A 386 22.09 12.21 -9.29
CA GLN A 386 21.11 12.98 -8.53
C GLN A 386 20.61 12.24 -7.30
N LEU A 387 20.31 10.95 -7.45
CA LEU A 387 19.91 10.14 -6.31
C LEU A 387 21.05 10.00 -5.30
N LEU A 388 22.29 9.99 -5.79
CA LEU A 388 23.46 9.92 -4.93
C LEU A 388 23.55 11.14 -4.02
N VAL A 389 23.40 12.34 -4.58
CA VAL A 389 23.46 13.54 -3.77
C VAL A 389 22.17 13.77 -3.00
N SER A 390 21.08 13.10 -3.38
CA SER A 390 19.86 13.16 -2.57
C SER A 390 19.95 12.28 -1.33
N GLU A 391 20.63 11.13 -1.42
CA GLU A 391 20.65 10.20 -0.29
C GLU A 391 21.90 10.32 0.58
N ILE A 392 23.09 10.31 -0.04
CA ILE A 392 24.36 10.34 0.69
C ILE A 392 24.58 11.64 1.46
N LEU A 393 23.79 12.69 1.17
CA LEU A 393 24.07 14.02 1.71
C LEU A 393 23.14 14.40 2.85
N THR A 394 22.57 13.40 3.53
CA THR A 394 21.66 13.63 4.64
C THR A 394 22.46 14.28 5.79
N PRO A 395 21.79 14.90 6.78
CA PRO A 395 22.55 15.41 7.95
C PRO A 395 23.33 14.32 8.68
N PHE A 396 22.70 13.16 8.89
CA PHE A 396 23.38 12.09 9.62
C PHE A 396 24.61 11.62 8.88
N TYR A 397 24.50 11.34 7.58
CA TYR A 397 25.64 10.85 6.82
C TYR A 397 26.76 11.88 6.68
N ALA A 398 26.53 13.14 7.09
CA ALA A 398 27.57 14.13 7.27
C ALA A 398 28.19 14.05 8.67
N PHE A 399 27.34 13.84 9.68
CA PHE A 399 27.85 13.64 11.04
C PHE A 399 28.70 12.37 11.12
N GLN A 400 28.31 11.34 10.37
CA GLN A 400 29.08 10.10 10.30
C GLN A 400 30.44 10.34 9.65
N VAL A 401 30.50 11.18 8.61
CA VAL A 401 31.77 11.53 7.99
C VAL A 401 32.65 12.28 9.00
N PHE A 402 32.05 13.19 9.77
CA PHE A 402 32.77 13.87 10.84
C PHE A 402 33.33 12.88 11.86
N SER A 403 32.51 11.92 12.27
CA SER A 403 32.95 10.93 13.26
C SER A 403 34.06 10.05 12.71
N LEU A 404 33.97 9.67 11.43
CA LEU A 404 35.02 8.87 10.83
C LEU A 404 36.32 9.65 10.69
N ILE A 405 36.24 10.93 10.35
CA ILE A 405 37.44 11.77 10.29
C ILE A 405 38.07 11.88 11.67
N LEU A 406 37.24 12.06 12.70
CA LEU A 406 37.75 12.13 14.07
C LEU A 406 38.41 10.82 14.48
N TRP A 407 37.81 9.69 14.14
CA TRP A 407 38.36 8.39 14.51
C TRP A 407 39.67 8.11 13.78
N LEU A 408 39.75 8.48 12.50
CA LEU A 408 41.01 8.34 11.78
C LEU A 408 42.09 9.24 12.37
N CYS A 409 41.72 10.45 12.80
CA CYS A 409 42.70 11.33 13.41
C CYS A 409 43.04 10.93 14.84
N ASP A 410 42.24 10.08 15.47
CA ASP A 410 42.41 9.75 16.88
C ASP A 410 42.88 8.29 17.01
N GLU A 411 43.66 7.83 16.02
CA GLU A 411 44.30 6.52 16.00
C GLU A 411 43.31 5.38 16.22
N TYR A 412 42.12 5.50 15.65
CA TYR A 412 41.03 4.55 15.85
C TYR A 412 40.57 4.11 14.46
N TYR A 413 41.23 3.10 13.91
CA TYR A 413 41.07 2.74 12.50
C TYR A 413 40.14 1.57 12.27
N TYR A 414 40.15 0.57 13.14
CA TYR A 414 39.40 -0.66 12.88
C TYR A 414 37.90 -0.43 13.00
N TYR A 415 37.46 0.21 14.07
CA TYR A 415 36.02 0.48 14.21
C TYR A 415 35.55 1.51 13.21
N ALA A 416 36.42 2.47 12.85
CA ALA A 416 36.07 3.42 11.81
C ALA A 416 35.88 2.73 10.47
N ALA A 417 36.74 1.76 10.16
CA ALA A 417 36.57 0.96 8.94
C ALA A 417 35.29 0.14 9.00
N ALA A 418 34.97 -0.40 10.18
CA ALA A 418 33.73 -1.18 10.33
C ALA A 418 32.50 -0.31 10.09
N ILE A 419 32.47 0.89 10.68
CA ILE A 419 31.35 1.80 10.44
C ILE A 419 31.31 2.27 8.99
N LEU A 420 32.48 2.46 8.36
CA LEU A 420 32.50 2.81 6.94
C LEU A 420 31.89 1.71 6.08
N LEU A 421 32.24 0.45 6.37
CA LEU A 421 31.65 -0.68 5.64
C LEU A 421 30.15 -0.77 5.87
N ILE A 422 29.71 -0.59 7.13
CA ILE A 422 28.29 -0.69 7.44
C ILE A 422 27.51 0.43 6.76
N SER A 423 28.02 1.66 6.79
CA SER A 423 27.34 2.78 6.16
C SER A 423 27.34 2.65 4.64
N ALA A 424 28.43 2.13 4.07
CA ALA A 424 28.47 1.89 2.64
C ALA A 424 27.45 0.83 2.23
N GLY A 425 27.32 -0.23 3.03
CA GLY A 425 26.31 -1.24 2.76
C GLY A 425 24.90 -0.69 2.85
N SER A 426 24.65 0.16 3.85
CA SER A 426 23.34 0.80 3.97
C SER A 426 23.05 1.71 2.78
N ILE A 427 24.07 2.46 2.33
CA ILE A 427 23.90 3.35 1.18
C ILE A 427 23.59 2.54 -0.08
N ILE A 428 24.32 1.45 -0.31
CA ILE A 428 24.06 0.63 -1.48
C ILE A 428 22.68 -0.01 -1.41
N THR A 429 22.28 -0.49 -0.22
CA THR A 429 20.97 -1.11 -0.07
C THR A 429 19.85 -0.11 -0.36
N SER A 430 19.94 1.10 0.22
CA SER A 430 18.92 2.11 -0.02
C SER A 430 18.92 2.58 -1.47
N LEU A 431 20.12 2.68 -2.08
CA LEU A 431 20.21 3.14 -3.46
C LEU A 431 19.58 2.15 -4.42
N LEU A 432 19.88 0.86 -4.25
CA LEU A 432 19.24 -0.15 -5.09
C LEU A 432 17.75 -0.25 -4.81
N GLU A 433 17.32 -0.06 -3.56
CA GLU A 433 15.89 -0.10 -3.24
C GLU A 433 15.15 1.04 -3.96
N THR A 434 15.70 2.25 -3.90
CA THR A 434 15.05 3.39 -4.55
C THR A 434 15.10 3.24 -6.08
N LYS A 435 16.20 2.72 -6.62
CA LYS A 435 16.30 2.49 -8.05
C LYS A 435 15.28 1.45 -8.52
N GLU A 436 15.12 0.37 -7.76
CA GLU A 436 14.13 -0.65 -8.12
C GLU A 436 12.72 -0.11 -8.00
N THR A 437 12.46 0.73 -6.99
CA THR A 437 11.15 1.35 -6.87
C THR A 437 10.85 2.26 -8.06
N ARG A 438 11.83 3.06 -8.49
CA ARG A 438 11.63 3.91 -9.66
C ARG A 438 11.45 3.08 -10.92
N ARG A 439 12.17 1.97 -11.04
CA ARG A 439 12.00 1.09 -12.20
C ARG A 439 10.61 0.48 -12.22
N ARG A 440 10.10 0.06 -11.06
CA ARG A 440 8.75 -0.48 -10.98
C ARG A 440 7.71 0.57 -11.32
N LEU A 441 7.91 1.82 -10.85
CA LEU A 441 6.97 2.88 -11.16
C LEU A 441 7.03 3.26 -12.64
N ARG A 442 8.23 3.22 -13.23
CA ARG A 442 8.39 3.61 -14.63
C ARG A 442 7.86 2.54 -15.58
N GLU A 443 8.13 1.26 -15.28
CA GLU A 443 7.72 0.18 -16.16
C GLU A 443 6.22 -0.02 -16.14
N MET A 444 5.56 0.29 -15.02
CA MET A 444 4.11 0.11 -14.93
C MET A 444 3.37 1.08 -15.84
N SER A 445 3.78 2.35 -15.83
CA SER A 445 3.04 3.41 -16.51
C SER A 445 3.46 3.60 -17.97
N ARG A 446 4.48 2.89 -18.43
CA ARG A 446 4.95 3.07 -19.80
C ARG A 446 4.14 2.22 -20.78
N PHE A 447 3.93 2.76 -21.98
CA PHE A 447 3.30 2.02 -23.07
C PHE A 447 3.60 2.74 -24.38
N GLU A 448 3.85 1.97 -25.43
CA GLU A 448 4.02 2.50 -26.77
C GLU A 448 3.35 1.59 -27.77
N CYS A 449 2.71 2.18 -28.78
CA CYS A 449 2.08 1.42 -29.85
C CYS A 449 2.02 2.29 -31.10
N GLU A 450 1.85 1.64 -32.24
CA GLU A 450 1.81 2.31 -33.53
C GLU A 450 0.36 2.52 -33.92
N VAL A 451 -0.14 3.74 -33.70
CA VAL A 451 -1.49 4.08 -34.14
C VAL A 451 -1.46 4.41 -35.63
N ARG A 452 -2.63 4.26 -36.26
CA ARG A 452 -2.72 4.26 -37.71
C ARG A 452 -3.01 5.62 -38.32
N VAL A 453 -3.85 6.43 -37.66
CA VAL A 453 -4.38 7.66 -38.24
C VAL A 453 -4.07 8.83 -37.31
N PHE A 454 -3.58 9.93 -37.87
CA PHE A 454 -3.62 11.22 -37.20
C PHE A 454 -4.60 12.18 -37.84
N ARG A 455 -4.66 12.21 -39.17
CA ARG A 455 -5.47 13.16 -39.92
C ARG A 455 -6.32 12.39 -40.93
N GLY A 456 -7.41 13.02 -41.36
CA GLY A 456 -8.28 12.38 -42.33
C GLY A 456 -7.59 12.16 -43.66
N GLY A 457 -6.76 13.11 -44.09
CA GLY A 457 -5.99 12.98 -45.30
C GLY A 457 -4.58 12.50 -44.99
N PHE A 458 -4.15 11.48 -45.74
CA PHE A 458 -2.80 10.91 -45.65
C PHE A 458 -2.48 10.40 -44.25
N TRP A 459 -3.25 9.40 -43.83
CA TRP A 459 -2.98 8.73 -42.56
C TRP A 459 -1.83 7.72 -42.73
N ARG A 460 -0.99 7.63 -41.71
CA ARG A 460 0.15 6.73 -41.73
C ARG A 460 0.51 6.39 -40.30
N THR A 461 1.09 5.19 -40.11
CA THR A 461 1.24 4.62 -38.77
C THR A 461 2.41 5.29 -38.06
N PHE A 462 2.10 5.98 -36.97
CA PHE A 462 3.03 6.73 -36.12
C PHE A 462 2.89 6.26 -34.67
N PRO A 463 3.93 6.40 -33.85
CA PRO A 463 3.83 5.97 -32.45
C PRO A 463 2.86 6.83 -31.67
N SER A 464 2.28 6.21 -30.62
CA SER A 464 1.21 6.84 -29.84
C SER A 464 1.71 7.96 -28.94
N SER A 465 3.03 8.15 -28.83
CA SER A 465 3.59 9.24 -28.04
C SER A 465 3.84 10.49 -28.88
N ASP A 466 3.05 10.70 -29.94
CA ASP A 466 3.31 11.82 -30.84
C ASP A 466 2.08 12.70 -31.07
N LEU A 467 0.88 12.14 -30.92
CA LEU A 467 -0.30 12.92 -31.24
C LEU A 467 -0.63 13.91 -30.12
N VAL A 468 -1.50 14.85 -30.46
CA VAL A 468 -1.85 15.98 -29.60
C VAL A 468 -3.37 15.97 -29.45
N PRO A 469 -3.92 16.66 -28.42
CA PRO A 469 -5.38 16.78 -28.33
C PRO A 469 -5.98 17.50 -29.53
N GLY A 470 -6.72 16.77 -30.34
CA GLY A 470 -7.24 17.29 -31.59
C GLY A 470 -6.97 16.37 -32.75
N ASP A 471 -6.18 15.32 -32.51
CA ASP A 471 -5.87 14.32 -33.51
C ASP A 471 -6.89 13.20 -33.47
N VAL A 472 -7.14 12.59 -34.62
CA VAL A 472 -8.16 11.56 -34.77
C VAL A 472 -7.49 10.28 -35.26
N TYR A 473 -7.85 9.15 -34.64
CA TYR A 473 -7.21 7.88 -34.92
C TYR A 473 -8.25 6.79 -35.06
N GLU A 474 -7.92 5.79 -35.89
CA GLU A 474 -8.84 4.68 -36.13
C GLU A 474 -8.76 3.68 -34.99
N VAL A 475 -9.92 3.36 -34.41
CA VAL A 475 -9.96 2.38 -33.32
C VAL A 475 -9.92 0.96 -33.89
N SER A 476 -10.44 0.75 -35.10
CA SER A 476 -10.56 -0.58 -35.70
C SER A 476 -9.25 -1.07 -36.32
N ASP A 477 -8.12 -0.46 -35.97
CA ASP A 477 -6.83 -0.96 -36.43
C ASP A 477 -6.55 -2.32 -35.80
N PRO A 478 -6.09 -3.32 -36.57
CA PRO A 478 -5.87 -4.66 -36.02
C PRO A 478 -4.82 -4.71 -34.90
N SER A 479 -3.79 -3.87 -34.96
CA SER A 479 -2.74 -3.90 -33.96
C SER A 479 -3.07 -3.10 -32.71
N LEU A 480 -4.16 -2.34 -32.72
CA LEU A 480 -4.56 -1.52 -31.57
C LEU A 480 -5.26 -2.43 -30.57
N THR A 481 -4.47 -3.08 -29.71
CA THR A 481 -5.04 -4.00 -28.74
C THR A 481 -5.74 -3.26 -27.60
N GLN A 482 -5.09 -2.23 -27.07
CA GLN A 482 -5.66 -1.48 -25.94
C GLN A 482 -5.58 0.00 -26.24
N ILE A 483 -6.59 0.74 -25.78
CA ILE A 483 -6.79 2.14 -26.15
C ILE A 483 -5.69 3.02 -25.56
N PRO A 484 -4.97 3.79 -26.39
CA PRO A 484 -3.89 4.64 -25.87
C PRO A 484 -4.37 5.79 -25.00
N ALA A 485 -5.29 6.60 -25.53
CA ALA A 485 -5.79 7.78 -24.83
C ALA A 485 -7.29 7.84 -24.96
N ASP A 486 -7.93 8.53 -24.01
CA ASP A 486 -9.37 8.70 -24.04
C ASP A 486 -9.78 9.54 -25.23
N SER A 487 -10.84 9.11 -25.93
CA SER A 487 -11.21 9.71 -27.19
C SER A 487 -12.71 9.55 -27.43
N LEU A 488 -13.36 10.65 -27.79
CA LEU A 488 -14.76 10.60 -28.17
C LEU A 488 -14.93 9.83 -29.47
N LEU A 489 -15.92 8.93 -29.50
CA LEU A 489 -16.13 8.03 -30.63
C LEU A 489 -16.91 8.74 -31.71
N LEU A 490 -16.31 8.90 -32.89
CA LEU A 490 -16.96 9.60 -33.98
C LEU A 490 -17.94 8.69 -34.73
N THR A 491 -17.43 7.61 -35.29
CA THR A 491 -18.25 6.68 -36.06
C THR A 491 -17.99 5.25 -35.60
N GLY A 492 -19.00 4.40 -35.77
CA GLY A 492 -18.87 2.99 -35.45
C GLY A 492 -19.05 2.71 -33.98
N ASP A 493 -19.21 1.43 -33.66
CA ASP A 493 -19.36 0.96 -32.29
C ASP A 493 -18.09 0.26 -31.82
N CYS A 494 -17.97 0.15 -30.50
CA CYS A 494 -16.79 -0.47 -29.90
C CYS A 494 -17.21 -1.35 -28.73
N ILE A 495 -16.38 -2.35 -28.44
CA ILE A 495 -16.53 -3.20 -27.26
C ILE A 495 -15.24 -3.07 -26.45
N VAL A 496 -15.36 -2.54 -25.23
CA VAL A 496 -14.20 -2.25 -24.41
C VAL A 496 -14.25 -3.07 -23.13
N ASN A 497 -13.08 -3.23 -22.52
CA ASN A 497 -12.95 -3.91 -21.23
C ASN A 497 -12.44 -2.91 -20.20
N GLU A 498 -13.09 -2.88 -19.04
CA GLU A 498 -12.75 -1.90 -18.01
C GLU A 498 -12.30 -2.59 -16.73
N SER A 499 -11.39 -3.56 -16.86
CA SER A 499 -10.93 -4.30 -15.69
C SER A 499 -10.07 -3.42 -14.78
N MET A 500 -9.20 -2.59 -15.35
CA MET A 500 -8.25 -1.84 -14.55
C MET A 500 -8.67 -0.40 -14.24
N LEU A 501 -9.64 0.15 -14.97
CA LEU A 501 -10.33 1.38 -14.57
C LEU A 501 -11.80 1.06 -14.36
N THR A 502 -12.32 1.47 -13.20
CA THR A 502 -13.66 1.24 -12.66
C THR A 502 -13.93 -0.22 -12.29
N GLY A 503 -12.97 -1.13 -12.52
CA GLY A 503 -13.03 -2.48 -11.99
C GLY A 503 -14.19 -3.36 -12.42
N GLU A 504 -14.51 -3.36 -13.72
CA GLU A 504 -15.58 -4.21 -14.25
C GLU A 504 -15.03 -4.98 -15.44
N SER A 505 -14.87 -6.29 -15.29
CA SER A 505 -14.37 -7.14 -16.37
C SER A 505 -15.43 -7.46 -17.41
N VAL A 506 -16.70 -7.10 -17.16
CA VAL A 506 -17.75 -7.32 -18.13
C VAL A 506 -17.55 -6.39 -19.32
N ALA A 507 -17.69 -6.93 -20.53
CA ALA A 507 -17.53 -6.13 -21.74
C ALA A 507 -18.58 -5.04 -21.82
N VAL A 508 -18.15 -3.85 -22.23
CA VAL A 508 -18.99 -2.66 -22.24
C VAL A 508 -19.09 -2.14 -23.67
N SER A 509 -20.32 -1.94 -24.14
CA SER A 509 -20.53 -1.36 -25.46
C SER A 509 -20.29 0.14 -25.44
N LYS A 510 -19.89 0.67 -26.58
CA LYS A 510 -19.57 2.08 -26.75
C LYS A 510 -20.13 2.54 -28.08
N THR A 511 -21.16 3.40 -28.04
CA THR A 511 -21.85 3.98 -29.17
C THR A 511 -21.11 5.24 -29.65
N PRO A 512 -21.21 5.58 -30.93
CA PRO A 512 -20.59 6.83 -31.39
C PRO A 512 -21.28 8.05 -30.81
N ALA A 513 -20.49 9.11 -30.63
CA ALA A 513 -20.99 10.33 -30.03
C ALA A 513 -21.82 11.13 -31.03
N THR A 514 -22.78 11.89 -30.51
CA THR A 514 -23.63 12.74 -31.32
C THR A 514 -23.15 14.18 -31.22
N ASN A 515 -23.69 15.03 -32.12
CA ASN A 515 -23.28 16.43 -32.15
C ASN A 515 -23.72 17.17 -30.90
N GLU A 516 -24.91 16.86 -30.38
CA GLU A 516 -25.40 17.51 -29.17
C GLU A 516 -24.56 17.13 -27.95
N THR A 517 -24.19 15.86 -27.84
CA THR A 517 -23.34 15.43 -26.74
C THR A 517 -21.92 15.94 -26.89
N LEU A 518 -21.46 16.13 -28.13
CA LEU A 518 -20.11 16.65 -28.36
C LEU A 518 -20.02 18.14 -28.03
N ALA A 519 -21.12 18.88 -28.21
CA ALA A 519 -21.08 20.32 -27.97
C ALA A 519 -21.21 20.69 -26.51
N LYS A 520 -21.51 19.73 -25.62
CA LYS A 520 -21.65 20.02 -24.20
C LYS A 520 -20.48 19.47 -23.38
N LEU A 521 -19.33 19.28 -24.01
CA LEU A 521 -18.18 18.68 -23.35
C LEU A 521 -17.61 19.62 -22.30
N ASN A 522 -17.46 19.11 -21.08
CA ASN A 522 -16.82 19.84 -19.98
C ASN A 522 -15.80 18.91 -19.33
N PRO A 523 -14.63 18.76 -19.94
CA PRO A 523 -13.62 17.82 -19.42
C PRO A 523 -12.85 18.29 -18.20
N ALA A 524 -13.27 19.38 -17.56
CA ALA A 524 -12.55 19.88 -16.39
C ALA A 524 -12.73 18.95 -15.21
N ALA A 525 -13.97 18.53 -14.95
CA ALA A 525 -14.24 17.65 -13.83
C ALA A 525 -13.85 16.22 -14.17
N SER A 526 -13.20 15.55 -13.22
CA SER A 526 -12.86 14.14 -13.40
C SER A 526 -14.11 13.27 -13.51
N THR A 527 -15.11 13.55 -12.70
CA THR A 527 -16.40 12.87 -12.80
C THR A 527 -17.28 13.55 -13.83
N PHE A 528 -18.33 12.84 -14.24
CA PHE A 528 -19.23 13.32 -15.29
C PHE A 528 -20.54 12.57 -15.17
N SER A 529 -21.50 12.98 -15.99
CA SER A 529 -22.79 12.30 -16.02
C SER A 529 -22.67 10.97 -16.78
N HIS A 530 -23.71 10.14 -16.61
CA HIS A 530 -23.67 8.81 -17.19
C HIS A 530 -23.82 8.82 -18.71
N ASP A 531 -24.55 9.80 -19.26
CA ASP A 531 -24.77 9.84 -20.70
C ASP A 531 -23.50 10.16 -21.48
N VAL A 532 -22.61 10.98 -20.91
CA VAL A 532 -21.36 11.30 -21.59
C VAL A 532 -20.40 10.12 -21.57
N ASP A 533 -20.54 9.22 -20.59
CA ASP A 533 -19.60 8.10 -20.44
C ASP A 533 -19.63 7.17 -21.65
N LYS A 534 -20.82 6.93 -22.20
CA LYS A 534 -20.98 6.05 -23.35
C LYS A 534 -20.62 6.71 -24.68
N HIS A 535 -19.90 7.84 -24.67
CA HIS A 535 -19.52 8.52 -25.90
C HIS A 535 -18.02 8.69 -26.09
N PHE A 536 -17.22 8.61 -25.03
CA PHE A 536 -15.77 8.68 -25.16
C PHE A 536 -15.14 7.47 -24.50
N LEU A 537 -14.01 7.03 -25.05
CA LEU A 537 -13.30 5.87 -24.57
C LEU A 537 -12.51 6.20 -23.31
N TYR A 538 -11.84 5.20 -22.74
CA TYR A 538 -11.07 5.36 -21.53
C TYR A 538 -9.59 5.10 -21.81
N CYS A 539 -8.74 5.81 -21.09
CA CYS A 539 -7.30 5.64 -21.25
C CYS A 539 -6.84 4.30 -20.69
N GLY A 540 -6.02 3.59 -21.46
CA GLY A 540 -5.40 2.37 -20.99
C GLY A 540 -6.35 1.21 -20.72
N THR A 541 -7.35 1.02 -21.57
CA THR A 541 -8.30 -0.07 -21.41
C THR A 541 -8.18 -1.04 -22.58
N LYS A 542 -8.20 -2.34 -22.25
CA LYS A 542 -8.09 -3.37 -23.26
C LYS A 542 -9.36 -3.46 -24.11
N LEU A 543 -9.20 -3.74 -25.39
CA LEU A 543 -10.33 -3.99 -26.28
C LEU A 543 -10.62 -5.48 -26.33
N ILE A 544 -11.87 -5.85 -26.08
CA ILE A 544 -12.28 -7.25 -26.17
C ILE A 544 -12.18 -7.73 -27.61
N ARG A 545 -12.70 -6.95 -28.55
CA ARG A 545 -12.65 -7.28 -29.97
C ARG A 545 -12.72 -5.98 -30.77
N ALA A 546 -11.98 -5.92 -31.86
CA ALA A 546 -11.93 -4.74 -32.73
C ALA A 546 -13.23 -4.65 -33.52
N ARG A 547 -14.17 -3.86 -33.03
CA ARG A 547 -15.45 -3.68 -33.70
C ARG A 547 -15.50 -2.36 -34.46
N ALA A 558 -14.07 1.84 -37.06
CA ALA A 558 -14.37 2.85 -36.04
C ALA A 558 -13.21 3.82 -35.89
N VAL A 559 -13.53 5.10 -35.77
CA VAL A 559 -12.55 6.16 -35.64
C VAL A 559 -12.97 7.05 -34.48
N ALA A 560 -12.00 7.73 -33.87
CA ALA A 560 -12.27 8.49 -32.65
C ALA A 560 -11.29 9.64 -32.50
N LEU A 561 -11.78 10.74 -31.94
CA LEU A 561 -11.03 11.97 -31.76
C LEU A 561 -10.64 12.14 -30.30
N VAL A 562 -9.35 12.34 -30.02
CA VAL A 562 -8.88 12.42 -28.65
C VAL A 562 -9.38 13.70 -27.98
N VAL A 563 -9.58 13.62 -26.67
CA VAL A 563 -10.10 14.73 -25.89
C VAL A 563 -9.03 15.38 -25.02
N ARG A 564 -8.13 14.58 -24.43
CA ARG A 564 -7.06 15.13 -23.60
C ARG A 564 -5.86 14.20 -23.64
N THR A 565 -4.71 14.73 -23.26
CA THR A 565 -3.43 14.07 -23.47
C THR A 565 -2.51 14.32 -22.28
N GLY A 566 -1.92 13.24 -21.77
CA GLY A 566 -0.88 13.34 -20.76
C GLY A 566 -1.29 12.93 -19.37
N PHE A 567 -0.79 13.62 -18.36
CA PHE A 567 -1.13 13.36 -16.97
C PHE A 567 -2.50 13.91 -16.58
N ASN A 568 -3.12 14.73 -17.44
CA ASN A 568 -4.43 15.31 -17.15
C ASN A 568 -5.58 14.47 -17.69
N THR A 569 -5.38 13.17 -17.85
CA THR A 569 -6.40 12.26 -18.34
C THR A 569 -6.94 11.42 -17.19
N THR A 570 -7.85 10.50 -17.52
CA THR A 570 -8.50 9.69 -16.50
C THR A 570 -7.52 8.75 -15.81
N ARG A 571 -6.68 8.07 -16.60
CA ARG A 571 -5.63 7.26 -16.02
C ARG A 571 -4.47 8.13 -15.53
N GLY A 572 -4.26 9.27 -16.19
CA GLY A 572 -3.18 10.17 -15.77
C GLY A 572 -3.42 10.76 -14.40
N ALA A 573 -4.65 11.16 -14.10
CA ALA A 573 -4.95 11.74 -12.79
C ALA A 573 -4.90 10.71 -11.68
N LEU A 574 -4.94 9.42 -12.01
CA LEU A 574 -4.81 8.36 -11.03
C LEU A 574 -3.39 7.83 -10.90
N VAL A 575 -2.56 8.01 -11.93
CA VAL A 575 -1.13 7.69 -11.81
C VAL A 575 -0.36 8.88 -11.22
N ARG A 576 -0.93 10.08 -11.26
CA ARG A 576 -0.27 11.23 -10.66
C ARG A 576 -0.33 11.15 -9.14
N SER A 577 -1.46 10.69 -8.60
CA SER A 577 -1.59 10.51 -7.15
C SER A 577 -0.72 9.38 -6.62
N MET A 578 -0.16 8.53 -7.48
CA MET A 578 0.74 7.49 -7.03
C MET A 578 2.19 7.96 -6.97
N LEU A 579 2.46 9.20 -7.39
CA LEU A 579 3.82 9.72 -7.42
C LEU A 579 4.03 10.90 -6.47
N VAL A 580 3.01 11.32 -5.76
CA VAL A 580 3.12 12.43 -4.80
C VAL A 580 3.94 11.96 -3.60
N PRO A 581 4.63 12.86 -2.89
CA PRO A 581 5.36 12.43 -1.69
C PRO A 581 4.39 12.00 -0.59
N LYS A 582 4.65 10.81 -0.05
CA LYS A 582 3.77 10.28 1.00
C LYS A 582 3.97 11.06 2.30
N PRO A 583 2.92 11.18 3.12
CA PRO A 583 3.07 11.90 4.41
C PRO A 583 4.01 11.20 5.39
N SER A 584 4.28 9.90 5.19
CA SER A 584 5.13 9.09 6.07
C SER A 584 4.59 9.08 7.50
N LYS A 585 3.40 8.50 7.63
CA LYS A 585 2.70 8.45 8.91
C LYS A 585 3.44 7.63 9.96
N PHE A 586 4.32 6.74 9.56
CA PHE A 586 5.14 5.98 10.50
C PHE A 586 6.30 6.87 10.94
N LYS A 587 6.25 7.32 12.19
CA LYS A 587 7.19 8.32 12.69
C LYS A 587 8.31 7.74 13.53
N PHE A 588 8.47 6.41 13.54
CA PHE A 588 9.54 5.81 14.34
C PHE A 588 10.91 6.20 13.80
N TYR A 589 11.09 6.14 12.49
CA TYR A 589 12.36 6.54 11.89
C TYR A 589 12.59 8.04 11.92
N GLU A 590 11.58 8.82 12.27
CA GLU A 590 11.74 10.24 12.56
C GLU A 590 11.91 10.51 14.05
N ASP A 591 11.22 9.73 14.91
CA ASP A 591 11.37 9.91 16.35
C ASP A 591 12.74 9.47 16.83
N SER A 592 13.33 8.45 16.20
CA SER A 592 14.68 8.05 16.55
C SER A 592 15.68 9.16 16.25
N PHE A 593 15.53 9.83 15.11
CA PHE A 593 16.42 10.93 14.79
C PHE A 593 16.13 12.16 15.63
N ARG A 594 14.88 12.35 16.04
CA ARG A 594 14.57 13.43 16.98
C ARG A 594 15.23 13.22 18.33
N TYR A 595 15.20 11.97 18.83
CA TYR A 595 15.88 11.70 20.09
C TYR A 595 17.39 11.72 19.92
N LEU A 596 17.88 11.42 18.72
CA LEU A 596 19.30 11.62 18.42
C LEU A 596 19.67 13.10 18.47
N LYS A 597 18.77 13.96 17.99
CA LYS A 597 18.99 15.41 18.10
C LYS A 597 19.00 15.85 19.55
N VAL A 598 18.13 15.25 20.37
CA VAL A 598 18.13 15.54 21.81
C VAL A 598 19.44 15.10 22.44
N MET A 599 19.93 13.92 22.07
CA MET A 599 21.24 13.47 22.55
C MET A 599 22.36 14.38 22.08
N GLY A 600 22.23 14.94 20.88
CA GLY A 600 23.22 15.90 20.41
C GLY A 600 23.18 17.20 21.20
N CYS A 601 21.99 17.64 21.59
CA CYS A 601 21.86 18.82 22.45
C CYS A 601 22.49 18.55 23.81
N LEU A 602 22.33 17.34 24.34
CA LEU A 602 23.02 16.98 25.58
C LEU A 602 24.52 16.87 25.36
N ALA A 603 24.94 16.39 24.19
CA ALA A 603 26.36 16.22 23.90
C ALA A 603 27.06 17.56 23.74
N GLY A 604 26.34 18.60 23.32
CA GLY A 604 26.92 19.93 23.32
C GLY A 604 27.28 20.40 24.71
N LEU A 605 26.38 20.20 25.68
CA LEU A 605 26.67 20.52 27.07
C LEU A 605 27.82 19.66 27.60
N ALA A 606 27.83 18.37 27.24
CA ALA A 606 28.92 17.50 27.68
C ALA A 606 30.26 17.94 27.09
N PHE A 607 30.26 18.37 25.83
CA PHE A 607 31.46 18.87 25.18
C PHE A 607 31.96 20.14 25.86
N ILE A 608 31.03 21.05 26.21
CA ILE A 608 31.41 22.28 26.90
C ILE A 608 31.99 21.98 28.28
N VAL A 609 31.35 21.07 29.02
CA VAL A 609 31.83 20.71 30.36
C VAL A 609 33.19 20.05 30.28
N SER A 610 33.39 19.14 29.32
CA SER A 610 34.69 18.50 29.15
C SER A 610 35.76 19.51 28.74
N LEU A 611 35.40 20.49 27.91
CA LEU A 611 36.34 21.53 27.50
C LEU A 611 36.79 22.36 28.71
N VAL A 612 35.82 22.83 29.51
CA VAL A 612 36.19 23.67 30.65
C VAL A 612 36.84 22.87 31.76
N ASN A 613 36.64 21.55 31.80
CA ASN A 613 37.37 20.71 32.75
C ASN A 613 38.80 20.47 32.29
N PHE A 614 39.01 20.29 30.98
CA PHE A 614 40.34 20.05 30.46
C PHE A 614 41.18 21.33 30.46
N ILE A 615 40.52 22.49 30.41
CA ILE A 615 41.25 23.76 30.55
C ILE A 615 41.87 23.86 31.94
N ARG A 616 41.16 23.35 32.95
CA ARG A 616 41.64 23.41 34.33
C ARG A 616 42.94 22.63 34.50
N LEU A 617 43.03 21.45 33.89
CA LEU A 617 44.22 20.62 34.02
C LEU A 617 45.31 21.00 33.02
N LYS A 618 45.03 21.91 32.08
CA LYS A 618 46.00 22.46 31.13
C LYS A 618 46.64 21.35 30.28
N LEU A 619 45.81 20.68 29.50
CA LEU A 619 46.28 19.64 28.59
C LEU A 619 46.70 20.26 27.26
N HIS A 620 47.22 19.43 26.36
CA HIS A 620 47.53 19.87 25.02
C HIS A 620 46.25 20.17 24.25
N TRP A 621 46.32 21.18 23.37
CA TRP A 621 45.12 21.62 22.67
C TRP A 621 44.62 20.57 21.69
N THR A 622 45.54 19.83 21.05
CA THR A 622 45.13 18.74 20.16
C THR A 622 44.39 17.66 20.93
N LEU A 623 44.92 17.26 22.10
CA LEU A 623 44.30 16.21 22.89
C LEU A 623 42.99 16.71 23.50
N ILE A 624 42.93 17.98 23.90
CA ILE A 624 41.70 18.56 24.42
C ILE A 624 40.62 18.52 23.36
N LEU A 625 40.96 18.95 22.14
CA LEU A 625 39.99 18.94 21.05
C LEU A 625 39.55 17.52 20.71
N LEU A 626 40.51 16.58 20.67
CA LEU A 626 40.19 15.19 20.34
C LEU A 626 39.24 14.57 21.36
N ARG A 627 39.56 14.70 22.65
CA ARG A 627 38.71 14.09 23.68
C ARG A 627 37.36 14.77 23.77
N ALA A 628 37.33 16.11 23.74
CA ALA A 628 36.07 16.83 23.84
C ALA A 628 35.15 16.57 22.66
N LEU A 629 35.71 16.51 21.45
CA LEU A 629 34.89 16.20 20.28
C LEU A 629 34.57 14.72 20.16
N ASP A 630 35.36 13.84 20.79
CA ASP A 630 35.04 12.43 20.80
C ASP A 630 33.92 12.11 21.79
N LEU A 631 33.79 12.91 22.84
CA LEU A 631 32.66 12.74 23.75
C LEU A 631 31.33 12.95 23.03
N LEU A 632 31.30 13.90 22.10
CA LEU A 632 30.11 14.13 21.28
C LEU A 632 29.78 12.91 20.43
N THR A 633 30.80 12.24 19.90
CA THR A 633 30.58 11.03 19.12
C THR A 633 30.11 9.88 20.02
N ILE A 634 30.62 9.83 21.25
CA ILE A 634 30.22 8.79 22.20
C ILE A 634 28.74 8.94 22.55
N VAL A 635 28.30 10.17 22.80
CA VAL A 635 26.89 10.39 23.17
C VAL A 635 25.97 10.08 22.00
N VAL A 636 26.31 10.54 20.80
CA VAL A 636 25.48 10.30 19.62
C VAL A 636 26.11 9.21 18.76
N PRO A 637 25.67 7.96 18.89
CA PRO A 637 26.37 6.86 18.21
C PRO A 637 26.10 6.86 16.72
N PRO A 638 27.15 6.78 15.90
CA PRO A 638 26.94 6.69 14.44
C PRO A 638 26.35 5.37 13.98
N ALA A 639 26.29 4.36 14.84
CA ALA A 639 25.78 3.05 14.46
C ALA A 639 24.36 2.80 14.96
N LEU A 640 23.64 3.85 15.40
CA LEU A 640 22.27 3.64 15.87
C LEU A 640 21.31 3.36 14.72
N PRO A 641 21.14 4.23 13.71
CA PRO A 641 20.19 3.90 12.63
C PRO A 641 20.63 2.74 11.77
N ALA A 642 21.93 2.43 11.73
CA ALA A 642 22.40 1.26 11.01
C ALA A 642 21.95 -0.03 11.70
N THR A 643 21.97 -0.04 13.03
CA THR A 643 21.50 -1.17 13.80
C THR A 643 20.00 -1.13 14.04
N LEU A 644 19.32 -0.07 13.60
CA LEU A 644 17.86 -0.09 13.59
C LEU A 644 17.30 -0.81 12.37
N THR A 645 18.16 -1.25 11.44
CA THR A 645 17.74 -1.86 10.19
C THR A 645 17.95 -3.37 10.18
N ILE A 646 18.73 -3.91 11.11
CA ILE A 646 19.10 -5.32 11.08
C ILE A 646 17.89 -6.21 11.38
N GLY A 647 17.04 -5.82 12.32
CA GLY A 647 15.85 -6.60 12.62
C GLY A 647 14.87 -6.61 11.46
N THR A 648 14.71 -5.46 10.81
CA THR A 648 13.87 -5.37 9.62
C THR A 648 14.44 -6.24 8.49
N SER A 649 15.76 -6.25 8.33
CA SER A 649 16.40 -7.06 7.29
C SER A 649 16.20 -8.55 7.57
N PHE A 650 16.30 -8.96 8.84
CA PHE A 650 16.04 -10.35 9.19
C PHE A 650 14.58 -10.72 8.92
N ALA A 651 13.66 -9.79 9.22
CA ALA A 651 12.25 -10.03 8.92
C ALA A 651 12.01 -10.18 7.41
N VAL A 652 12.68 -9.35 6.62
CA VAL A 652 12.56 -9.44 5.15
C VAL A 652 13.11 -10.77 4.66
N GLN A 653 14.23 -11.22 5.23
CA GLN A 653 14.80 -12.51 4.85
C GLN A 653 13.85 -13.66 5.21
N ARG A 654 13.23 -13.59 6.39
CA ARG A 654 12.26 -14.62 6.78
C ARG A 654 11.05 -14.62 5.86
N LEU A 655 10.57 -13.43 5.48
CA LEU A 655 9.43 -13.34 4.56
C LEU A 655 9.77 -13.91 3.20
N LYS A 656 10.96 -13.60 2.68
CA LYS A 656 11.39 -14.19 1.42
C LYS A 656 11.55 -15.69 1.52
N GLY A 657 11.93 -16.19 2.71
CA GLY A 657 11.92 -17.62 2.94
C GLY A 657 10.53 -18.21 2.91
N LYS A 658 9.53 -17.47 3.39
CA LYS A 658 8.14 -17.91 3.39
C LYS A 658 7.42 -17.62 2.07
N LYS A 659 8.17 -17.43 0.98
CA LYS A 659 7.63 -17.19 -0.36
C LYS A 659 6.71 -15.97 -0.41
N ILE A 660 7.10 -14.89 0.26
CA ILE A 660 6.47 -13.60 0.11
C ILE A 660 7.56 -12.52 0.07
N PHE A 661 7.76 -11.92 -1.10
CA PHE A 661 8.80 -10.92 -1.28
C PHE A 661 8.25 -9.54 -1.02
N CYS A 662 8.94 -8.76 -0.20
CA CYS A 662 8.56 -7.40 0.10
C CYS A 662 9.60 -6.43 -0.44
N THR A 663 9.13 -5.38 -1.11
CA THR A 663 10.05 -4.42 -1.71
C THR A 663 10.56 -3.42 -0.67
N SER A 664 9.66 -2.63 -0.11
CA SER A 664 10.07 -1.61 0.86
C SER A 664 10.21 -2.23 2.25
N PRO A 665 11.40 -2.22 2.85
CA PRO A 665 11.56 -2.82 4.17
C PRO A 665 10.97 -1.97 5.28
N GLN A 666 10.99 -0.65 5.10
CA GLN A 666 10.53 0.27 6.13
C GLN A 666 9.04 0.13 6.42
N ARG A 667 8.27 -0.44 5.49
CA ARG A 667 6.86 -0.67 5.74
C ARG A 667 6.61 -1.89 6.62
N VAL A 668 7.62 -2.76 6.79
CA VAL A 668 7.43 -4.00 7.55
C VAL A 668 7.08 -3.68 9.00
N ASN A 669 7.80 -2.74 9.61
CA ASN A 669 7.46 -2.30 10.96
C ASN A 669 6.06 -1.71 11.03
N VAL A 670 5.63 -1.04 9.96
CA VAL A 670 4.26 -0.52 9.90
C VAL A 670 3.26 -1.67 9.96
N GLY A 671 3.61 -2.82 9.39
CA GLY A 671 2.77 -4.01 9.49
C GLY A 671 2.55 -4.48 10.91
N GLY A 672 3.38 -4.04 11.85
CA GLY A 672 3.10 -4.31 13.25
C GLY A 672 1.86 -3.59 13.74
N LYS A 673 1.71 -2.31 13.37
CA LYS A 673 0.60 -1.51 13.89
C LYS A 673 -0.60 -1.51 12.94
N ILE A 674 -1.04 -2.69 12.52
CA ILE A 674 -2.18 -2.82 11.62
C ILE A 674 -3.45 -2.91 12.47
N ASP A 675 -4.33 -1.93 12.30
CA ASP A 675 -5.60 -1.89 13.01
C ASP A 675 -6.77 -2.42 12.19
N LEU A 676 -6.72 -2.24 10.87
CA LEU A 676 -7.76 -2.69 9.96
C LEU A 676 -7.08 -3.35 8.77
N MET A 677 -7.78 -4.28 8.11
CA MET A 677 -7.18 -4.99 6.99
C MET A 677 -8.25 -5.15 5.91
N CYS A 678 -8.16 -4.35 4.86
CA CYS A 678 -9.11 -4.40 3.76
C CYS A 678 -8.86 -5.62 2.88
N PHE A 679 -9.76 -5.84 1.93
CA PHE A 679 -9.68 -7.00 1.04
C PHE A 679 -10.26 -6.60 -0.32
N ASP A 680 -10.42 -7.61 -1.19
CA ASP A 680 -10.98 -7.39 -2.53
C ASP A 680 -11.45 -8.74 -3.03
N LYS A 681 -12.75 -8.89 -3.29
CA LYS A 681 -13.30 -10.20 -3.61
C LYS A 681 -13.18 -10.57 -5.09
N THR A 682 -12.44 -9.79 -5.88
CA THR A 682 -12.22 -10.16 -7.29
C THR A 682 -11.45 -11.46 -7.40
N GLY A 683 -10.21 -11.48 -6.90
CA GLY A 683 -9.40 -12.68 -6.98
C GLY A 683 -8.54 -12.92 -5.76
N THR A 684 -8.69 -12.09 -4.74
CA THR A 684 -7.84 -12.22 -3.55
C THR A 684 -8.38 -13.28 -2.61
N LEU A 685 -9.57 -13.08 -2.06
CA LEU A 685 -10.18 -14.05 -1.15
C LEU A 685 -11.28 -14.87 -1.82
N THR A 686 -11.42 -14.77 -3.13
CA THR A 686 -12.26 -15.66 -3.92
C THR A 686 -11.47 -16.10 -5.15
N GLU A 687 -11.87 -17.23 -5.72
CA GLU A 687 -11.24 -17.68 -6.95
C GLU A 687 -11.62 -16.77 -8.11
N GLU A 688 -10.67 -16.57 -9.03
CA GLU A 688 -10.84 -15.58 -10.09
C GLU A 688 -11.98 -15.94 -11.03
N GLY A 689 -12.06 -17.20 -11.45
CA GLY A 689 -13.09 -17.62 -12.38
C GLY A 689 -14.40 -17.98 -11.68
N LEU A 690 -15.49 -17.86 -12.42
CA LEU A 690 -16.79 -18.27 -11.92
C LEU A 690 -16.85 -19.79 -11.80
N ASP A 691 -17.50 -20.27 -10.76
CA ASP A 691 -17.55 -21.70 -10.47
C ASP A 691 -19.00 -22.15 -10.33
N VAL A 692 -19.24 -23.41 -10.67
CA VAL A 692 -20.59 -23.98 -10.67
C VAL A 692 -20.87 -24.55 -9.29
N LEU A 693 -21.99 -24.13 -8.69
CA LEU A 693 -22.44 -24.67 -7.42
C LEU A 693 -23.28 -25.93 -7.63
N GLY A 694 -24.35 -25.81 -8.40
CA GLY A 694 -25.23 -26.94 -8.64
C GLY A 694 -26.15 -26.66 -9.81
N ILE A 695 -27.14 -27.55 -9.96
CA ILE A 695 -28.10 -27.48 -11.04
C ILE A 695 -29.51 -27.47 -10.45
N ARG A 696 -30.45 -26.95 -11.24
CA ARG A 696 -31.87 -26.98 -10.88
C ARG A 696 -32.63 -27.60 -12.03
N VAL A 697 -33.39 -28.66 -11.74
CA VAL A 697 -34.13 -29.38 -12.77
C VAL A 697 -35.51 -28.76 -12.93
N ALA A 698 -36.09 -28.96 -14.12
CA ALA A 698 -37.44 -28.44 -14.38
C ALA A 698 -38.48 -29.19 -13.56
N SER A 699 -38.38 -30.52 -13.50
CA SER A 699 -39.29 -31.40 -12.75
C SER A 699 -40.73 -31.21 -13.21
N ARG A 700 -40.96 -31.59 -14.47
CA ARG A 700 -42.30 -31.45 -15.05
C ARG A 700 -43.31 -32.38 -14.39
N VAL A 701 -42.85 -33.52 -13.88
CA VAL A 701 -43.77 -34.47 -13.24
C VAL A 701 -44.28 -33.93 -11.89
N SER A 702 -43.43 -33.20 -11.15
CA SER A 702 -43.82 -32.64 -9.86
C SER A 702 -43.26 -31.23 -9.77
N ASN A 703 -44.17 -30.24 -9.70
CA ASN A 703 -43.78 -28.83 -9.82
C ASN A 703 -42.86 -28.37 -8.69
N ARG A 704 -42.87 -29.05 -7.55
CA ARG A 704 -41.93 -28.72 -6.48
C ARG A 704 -40.54 -29.20 -6.87
N PHE A 705 -39.56 -28.30 -6.72
CA PHE A 705 -38.20 -28.61 -7.15
C PHE A 705 -37.54 -29.59 -6.19
N THR A 706 -36.75 -30.51 -6.75
CA THR A 706 -36.04 -31.49 -5.95
C THR A 706 -34.73 -30.91 -5.42
N GLU A 707 -34.18 -31.61 -4.43
CA GLU A 707 -32.90 -31.19 -3.85
C GLU A 707 -31.76 -31.43 -4.83
N LEU A 708 -30.80 -30.51 -4.83
CA LEU A 708 -29.64 -30.64 -5.70
C LEU A 708 -28.60 -31.56 -5.08
N LEU A 709 -27.97 -32.38 -5.93
CA LEU A 709 -26.96 -33.34 -5.49
C LEU A 709 -25.58 -33.07 -6.05
N THR A 710 -25.44 -32.16 -7.03
CA THR A 710 -24.16 -31.83 -7.68
C THR A 710 -23.48 -33.07 -8.26
N ASN A 711 -24.28 -33.93 -8.88
CA ASN A 711 -23.76 -35.15 -9.50
C ASN A 711 -24.73 -35.56 -10.62
N VAL A 712 -24.56 -36.78 -11.12
CA VAL A 712 -25.37 -37.30 -12.20
C VAL A 712 -26.50 -38.15 -11.62
N ASP A 713 -27.72 -37.87 -12.07
CA ASP A 713 -28.90 -38.63 -11.67
C ASP A 713 -29.81 -38.86 -12.87
N ASP A 714 -29.20 -39.23 -14.01
CA ASP A 714 -29.97 -39.39 -15.24
C ASP A 714 -30.91 -40.59 -15.18
N LEU A 715 -30.45 -41.71 -14.63
CA LEU A 715 -31.23 -42.94 -14.59
C LEU A 715 -32.03 -43.09 -13.30
N THR A 716 -31.93 -42.13 -12.37
CA THR A 716 -32.66 -42.24 -11.11
C THR A 716 -34.16 -42.07 -11.33
N TRP A 717 -34.57 -41.04 -12.07
CA TRP A 717 -35.97 -40.76 -12.32
C TRP A 717 -36.18 -40.43 -13.78
N SER A 718 -37.29 -40.92 -14.34
CA SER A 718 -37.61 -40.65 -15.74
C SER A 718 -38.13 -39.23 -15.94
N CYS A 719 -38.88 -38.71 -14.96
CA CYS A 719 -39.47 -37.37 -14.98
C CYS A 719 -40.35 -37.12 -16.21
N LYS A 745 -41.33 -41.81 -22.76
CA LYS A 745 -40.10 -41.19 -22.29
C LYS A 745 -39.33 -40.49 -23.42
N PRO A 746 -39.81 -39.30 -23.83
CA PRO A 746 -39.15 -38.57 -24.91
C PRO A 746 -37.73 -38.12 -24.56
N LEU A 747 -37.59 -37.37 -23.47
CA LEU A 747 -36.30 -36.88 -23.02
C LEU A 747 -36.23 -37.00 -21.50
N ASP A 748 -35.05 -36.67 -20.96
CA ASP A 748 -34.82 -36.60 -19.54
C ASP A 748 -34.18 -35.25 -19.22
N PRO A 749 -34.64 -34.57 -18.16
CA PRO A 749 -34.07 -33.24 -17.84
C PRO A 749 -32.59 -33.27 -17.51
N TYR A 750 -32.12 -34.31 -16.82
CA TYR A 750 -30.71 -34.39 -16.46
C TYR A 750 -29.84 -34.54 -17.71
N ARG A 751 -30.20 -35.48 -18.59
CA ARG A 751 -29.43 -35.70 -19.81
C ARG A 751 -29.49 -34.49 -20.74
N ALA A 752 -30.67 -33.88 -20.85
CA ALA A 752 -30.82 -32.68 -21.68
C ALA A 752 -29.95 -31.54 -21.17
N ALA A 753 -29.97 -31.31 -19.86
CA ALA A 753 -29.15 -30.24 -19.28
C ALA A 753 -27.66 -30.53 -19.45
N LEU A 754 -27.25 -31.80 -19.26
CA LEU A 754 -25.85 -32.15 -19.42
C LEU A 754 -25.41 -32.02 -20.88
N TYR A 755 -26.32 -32.27 -21.83
CA TYR A 755 -26.01 -31.99 -23.23
C TYR A 755 -25.91 -30.50 -23.49
N VAL A 756 -26.75 -29.70 -22.83
CA VAL A 756 -26.74 -28.25 -23.00
C VAL A 756 -25.42 -27.65 -22.49
N MET A 757 -24.86 -28.22 -21.42
CA MET A 757 -23.67 -27.66 -20.76
C MET A 757 -22.48 -27.48 -21.71
N ALA A 758 -22.39 -28.25 -22.79
CA ALA A 758 -21.30 -28.13 -23.75
C ALA A 758 -21.84 -28.12 -25.17
N SER A 759 -22.89 -27.33 -25.42
CA SER A 759 -23.56 -27.35 -26.72
C SER A 759 -23.47 -26.01 -27.45
N CYS A 760 -23.92 -24.91 -26.84
CA CYS A 760 -24.15 -23.66 -27.54
C CYS A 760 -23.03 -22.65 -27.33
N HIS A 761 -21.79 -23.12 -27.19
CA HIS A 761 -20.65 -22.24 -27.06
C HIS A 761 -19.52 -22.73 -27.95
N SER A 762 -18.73 -21.78 -28.45
CA SER A 762 -17.59 -22.09 -29.30
C SER A 762 -16.40 -22.41 -28.41
N LEU A 763 -16.00 -23.68 -28.38
CA LEU A 763 -14.91 -24.15 -27.55
C LEU A 763 -13.87 -24.85 -28.41
N ARG A 764 -12.60 -24.69 -28.03
CA ARG A 764 -11.51 -25.33 -28.72
C ARG A 764 -10.35 -25.51 -27.75
N ILE A 765 -9.43 -26.40 -28.13
CA ILE A 765 -8.32 -26.80 -27.27
C ILE A 765 -7.02 -26.38 -27.94
N VAL A 766 -6.00 -26.13 -27.12
CA VAL A 766 -4.64 -25.96 -27.61
C VAL A 766 -3.70 -26.92 -26.87
N ASP A 767 -3.74 -26.91 -25.54
CA ASP A 767 -3.03 -27.91 -24.74
C ASP A 767 -3.72 -28.00 -23.38
N GLY A 768 -4.62 -28.97 -23.23
CA GLY A 768 -5.21 -29.27 -21.95
C GLY A 768 -6.31 -28.35 -21.47
N VAL A 769 -6.26 -27.07 -21.85
CA VAL A 769 -7.19 -26.06 -21.35
C VAL A 769 -7.90 -25.43 -22.54
N ALA A 770 -9.18 -25.08 -22.33
CA ALA A 770 -9.99 -24.53 -23.40
C ALA A 770 -9.62 -23.09 -23.68
N VAL A 771 -10.02 -22.61 -24.87
CA VAL A 771 -9.69 -21.27 -25.31
C VAL A 771 -10.89 -20.32 -25.21
N GLY A 772 -12.08 -20.85 -24.95
CA GLY A 772 -13.29 -20.05 -24.90
C GLY A 772 -13.36 -19.10 -23.72
N ASP A 773 -14.47 -18.37 -23.67
CA ASP A 773 -14.71 -17.40 -22.62
C ASP A 773 -14.89 -18.08 -21.26
N PRO A 774 -14.37 -17.49 -20.18
CA PRO A 774 -14.38 -18.18 -18.88
C PRO A 774 -15.78 -18.45 -18.31
N LEU A 775 -16.81 -17.76 -18.81
CA LEU A 775 -18.17 -18.05 -18.38
C LEU A 775 -18.58 -19.46 -18.81
N GLU A 776 -18.22 -19.84 -20.03
CA GLU A 776 -18.67 -21.11 -20.60
C GLU A 776 -17.68 -22.23 -20.33
N VAL A 777 -16.41 -21.88 -20.09
CA VAL A 777 -15.35 -22.88 -19.92
C VAL A 777 -15.64 -23.81 -18.75
N LYS A 778 -16.05 -23.25 -17.60
CA LYS A 778 -16.18 -24.06 -16.38
C LYS A 778 -17.24 -25.16 -16.50
N MET A 779 -18.28 -24.93 -17.31
CA MET A 779 -19.40 -25.88 -17.37
C MET A 779 -19.00 -27.26 -17.87
N PHE A 780 -18.12 -27.34 -18.89
CA PHE A 780 -17.84 -28.66 -19.49
C PHE A 780 -17.12 -29.63 -18.55
N GLU A 781 -16.28 -29.14 -17.62
CA GLU A 781 -15.49 -30.05 -16.80
C GLU A 781 -16.38 -30.97 -15.97
N PHE A 782 -17.50 -30.44 -15.46
CA PHE A 782 -18.39 -31.18 -14.56
C PHE A 782 -18.85 -32.49 -15.18
N THR A 783 -18.88 -33.54 -14.35
CA THR A 783 -19.36 -34.91 -14.62
C THR A 783 -18.35 -35.67 -15.51
N GLY A 784 -17.34 -34.96 -16.02
CA GLY A 784 -16.27 -35.58 -16.77
C GLY A 784 -16.67 -36.19 -18.09
N TRP A 785 -17.65 -35.61 -18.79
CA TRP A 785 -18.12 -36.11 -20.08
C TRP A 785 -18.01 -35.01 -21.14
N SER A 786 -16.88 -34.31 -21.14
CA SER A 786 -16.67 -33.22 -22.09
C SER A 786 -16.27 -33.76 -23.46
N TYR A 787 -16.95 -33.25 -24.49
CA TYR A 787 -16.64 -33.60 -25.87
C TYR A 787 -16.15 -32.34 -26.59
N GLU A 788 -14.94 -32.41 -27.15
CA GLU A 788 -14.37 -31.30 -27.88
C GLU A 788 -14.06 -31.65 -29.33
N GLU A 789 -13.41 -32.79 -29.56
CA GLU A 789 -13.07 -33.23 -30.90
C GLU A 789 -14.02 -34.34 -31.35
N GLY A 790 -14.31 -34.35 -32.66
CA GLY A 790 -15.23 -35.33 -33.21
C GLY A 790 -16.64 -35.18 -32.64
N PHE A 791 -17.25 -36.32 -32.35
CA PHE A 791 -18.58 -36.35 -31.74
C PHE A 791 -18.60 -37.05 -30.39
N ILE A 792 -17.93 -38.18 -30.25
CA ILE A 792 -17.95 -38.95 -29.02
C ILE A 792 -16.90 -38.41 -28.06
N ALA A 793 -17.02 -38.80 -26.79
CA ALA A 793 -16.06 -38.38 -25.77
C ALA A 793 -15.62 -39.55 -24.91
N GLY A 794 -14.89 -39.26 -23.83
CA GLY A 794 -14.44 -40.29 -22.92
C GLY A 794 -15.28 -40.37 -21.67
N GLU A 795 -16.15 -41.37 -21.59
CA GLU A 795 -17.00 -41.57 -20.44
C GLU A 795 -16.29 -42.41 -19.38
N VAL A 796 -16.61 -42.13 -18.11
CA VAL A 796 -15.99 -42.86 -17.01
C VAL A 796 -16.56 -44.28 -16.95
N ILE A 797 -15.76 -45.21 -16.43
CA ILE A 797 -16.21 -46.59 -16.27
C ILE A 797 -17.32 -46.68 -15.23
N SER A 798 -17.17 -45.99 -14.11
CA SER A 798 -18.17 -46.01 -13.06
C SER A 798 -19.35 -45.10 -13.41
N ALA A 826 -25.30 -46.98 -17.50
CA ALA A 826 -25.04 -46.94 -18.95
C ALA A 826 -25.39 -45.57 -19.52
N PRO A 827 -24.40 -44.68 -19.59
CA PRO A 827 -24.65 -43.34 -20.11
C PRO A 827 -24.69 -43.34 -21.63
N PRO A 828 -25.63 -42.61 -22.23
CA PRO A 828 -25.67 -42.52 -23.69
C PRO A 828 -24.49 -41.73 -24.25
N ALA A 829 -24.19 -41.99 -25.52
CA ALA A 829 -23.08 -41.32 -26.18
C ALA A 829 -23.40 -39.85 -26.43
N VAL A 830 -22.36 -39.09 -26.77
CA VAL A 830 -22.47 -37.66 -26.97
C VAL A 830 -22.21 -37.32 -28.43
N GLY A 831 -22.56 -36.09 -28.81
CA GLY A 831 -22.40 -35.63 -30.18
C GLY A 831 -23.15 -34.33 -30.42
N VAL A 832 -22.55 -33.42 -31.18
CA VAL A 832 -23.14 -32.11 -31.41
C VAL A 832 -22.78 -31.65 -32.82
N LEU A 833 -23.64 -30.82 -33.40
CA LEU A 833 -23.43 -30.26 -34.72
C LEU A 833 -24.17 -28.93 -34.81
N ARG A 834 -23.80 -28.13 -35.81
CA ARG A 834 -24.37 -26.80 -36.07
C ARG A 834 -24.19 -25.89 -34.86
N ALA A 835 -22.93 -25.67 -34.49
CA ALA A 835 -22.61 -24.86 -33.33
C ALA A 835 -22.81 -23.38 -33.64
N PHE A 836 -23.04 -22.61 -32.57
CA PHE A 836 -23.25 -21.17 -32.68
C PHE A 836 -22.58 -20.51 -31.47
N ASP A 837 -22.85 -19.22 -31.29
CA ASP A 837 -22.28 -18.45 -30.20
C ASP A 837 -23.38 -17.76 -29.40
N PHE A 838 -23.11 -17.54 -28.12
CA PHE A 838 -24.05 -16.88 -27.22
C PHE A 838 -23.79 -15.38 -27.29
N ASN A 839 -24.65 -14.67 -28.02
CA ASN A 839 -24.52 -13.22 -28.11
C ASN A 839 -24.92 -12.58 -26.80
N PRO A 840 -24.07 -11.78 -26.16
CA PRO A 840 -24.45 -11.13 -24.89
C PRO A 840 -25.59 -10.14 -25.03
N LEU A 841 -25.73 -9.50 -26.19
CA LEU A 841 -26.81 -8.51 -26.37
C LEU A 841 -28.17 -9.18 -26.44
N LEU A 842 -28.29 -10.24 -27.25
CA LEU A 842 -29.57 -10.92 -27.42
C LEU A 842 -29.79 -12.06 -26.44
N ARG A 843 -28.76 -12.42 -25.66
CA ARG A 843 -28.73 -13.46 -24.61
C ARG A 843 -29.51 -14.72 -24.96
N ARG A 844 -29.38 -15.19 -26.20
CA ARG A 844 -30.04 -16.40 -26.65
C ARG A 844 -29.08 -17.22 -27.50
N SER A 845 -29.22 -18.54 -27.42
CA SER A 845 -28.45 -19.44 -28.29
C SER A 845 -29.21 -20.75 -28.43
N SER A 846 -29.34 -21.23 -29.66
CA SER A 846 -30.06 -22.46 -29.96
C SER A 846 -29.24 -23.33 -30.89
N VAL A 847 -29.15 -24.62 -30.59
CA VAL A 847 -28.44 -25.60 -31.40
C VAL A 847 -29.31 -26.83 -31.56
N ILE A 848 -29.55 -27.24 -32.81
CA ILE A 848 -30.30 -28.46 -33.10
C ILE A 848 -29.37 -29.45 -33.78
N ALA A 849 -29.31 -30.66 -33.22
CA ALA A 849 -28.46 -31.75 -33.71
C ALA A 849 -28.86 -33.05 -33.05
N ARG A 850 -29.01 -34.12 -33.84
CA ARG A 850 -29.32 -35.42 -33.28
C ARG A 850 -28.11 -36.00 -32.57
N VAL A 851 -28.32 -36.53 -31.37
CA VAL A 851 -27.24 -37.10 -30.56
C VAL A 851 -27.49 -38.57 -30.21
N VAL A 852 -28.72 -38.92 -29.81
CA VAL A 852 -29.09 -40.29 -29.49
C VAL A 852 -30.47 -40.57 -30.05
N GLY A 853 -30.63 -41.74 -30.66
CA GLY A 853 -31.91 -42.12 -31.23
C GLY A 853 -32.35 -41.19 -32.35
N ASN A 854 -33.60 -40.75 -32.27
CA ASN A 854 -34.14 -39.80 -33.23
C ASN A 854 -34.84 -38.59 -32.61
N SER A 855 -35.32 -38.70 -31.37
CA SER A 855 -36.03 -37.61 -30.71
C SER A 855 -35.57 -37.47 -29.27
N GLY A 856 -34.26 -37.58 -29.04
CA GLY A 856 -33.71 -37.41 -27.71
C GLY A 856 -32.55 -36.46 -27.66
N GLY A 857 -32.71 -35.36 -26.93
CA GLY A 857 -31.67 -34.34 -26.84
C GLY A 857 -31.39 -33.65 -28.16
N TYR A 858 -32.43 -33.40 -28.96
CA TYR A 858 -32.23 -32.85 -30.30
C TYR A 858 -32.01 -31.34 -30.29
N ALA A 859 -32.76 -30.61 -29.47
CA ALA A 859 -32.69 -29.15 -29.43
C ALA A 859 -32.21 -28.69 -28.07
N LEU A 860 -31.15 -27.87 -28.05
CA LEU A 860 -30.51 -27.42 -26.84
C LEU A 860 -30.37 -25.90 -26.89
N VAL A 861 -30.86 -25.21 -25.86
CA VAL A 861 -30.95 -23.76 -25.87
C VAL A 861 -30.35 -23.21 -24.58
N LYS A 862 -29.45 -22.24 -24.72
CA LYS A 862 -28.95 -21.44 -23.61
C LYS A 862 -29.60 -20.07 -23.63
N GLY A 863 -29.93 -19.54 -22.46
CA GLY A 863 -30.50 -18.23 -22.39
C GLY A 863 -30.41 -17.64 -21.00
N SER A 864 -31.14 -16.55 -20.80
CA SER A 864 -31.21 -15.88 -19.51
C SER A 864 -32.63 -15.92 -18.98
N PRO A 865 -32.81 -15.97 -17.66
CA PRO A 865 -34.17 -15.96 -17.08
C PRO A 865 -34.84 -14.60 -17.07
N GLU A 866 -34.28 -13.59 -17.73
CA GLU A 866 -34.83 -12.23 -17.63
C GLU A 866 -36.09 -12.07 -18.47
N CYS A 867 -36.08 -12.57 -19.70
CA CYS A 867 -37.20 -12.35 -20.62
C CYS A 867 -37.73 -13.65 -21.22
N MET A 868 -36.85 -14.63 -21.40
CA MET A 868 -37.26 -15.90 -21.99
C MET A 868 -38.30 -16.70 -21.20
N PRO A 869 -38.39 -16.64 -19.86
CA PRO A 869 -39.55 -17.26 -19.19
C PRO A 869 -40.90 -16.74 -19.66
N GLU A 870 -40.99 -15.48 -20.06
CA GLU A 870 -42.21 -15.00 -20.71
C GLU A 870 -42.40 -15.69 -22.06
N ILE A 871 -41.31 -15.91 -22.79
CA ILE A 871 -41.38 -16.63 -24.06
C ILE A 871 -41.61 -18.13 -23.84
N CYS A 872 -41.27 -18.63 -22.65
CA CYS A 872 -41.39 -20.05 -22.36
C CYS A 872 -42.86 -20.49 -22.37
N ARG A 873 -43.07 -21.76 -22.68
CA ARG A 873 -44.41 -22.33 -22.69
C ARG A 873 -44.95 -22.42 -21.26
N PRO A 874 -46.13 -21.88 -20.98
CA PRO A 874 -46.64 -21.85 -19.59
C PRO A 874 -46.88 -23.23 -18.99
N GLU A 875 -47.09 -24.27 -19.80
CA GLU A 875 -47.28 -25.61 -19.27
C GLU A 875 -45.99 -26.16 -18.67
N THR A 876 -44.84 -25.76 -19.20
CA THR A 876 -43.55 -26.24 -18.68
C THR A 876 -43.20 -25.57 -17.36
N LEU A 877 -43.73 -24.39 -17.09
CA LEU A 877 -43.38 -23.62 -15.90
C LEU A 877 -43.89 -24.33 -14.64
N PRO A 878 -43.02 -24.62 -13.67
CA PRO A 878 -43.46 -25.27 -12.44
C PRO A 878 -43.91 -24.28 -11.37
N SER A 879 -44.20 -23.05 -11.80
CA SER A 879 -44.57 -21.92 -10.93
C SER A 879 -43.47 -21.57 -9.93
N ASP A 880 -42.22 -21.90 -10.25
CA ASP A 880 -41.05 -21.49 -9.48
C ASP A 880 -40.05 -20.74 -10.34
N PHE A 881 -40.49 -20.23 -11.50
CA PHE A 881 -39.60 -19.55 -12.43
C PHE A 881 -39.21 -18.15 -11.96
N ASP A 882 -39.98 -17.56 -11.06
CA ASP A 882 -39.78 -16.17 -10.66
C ASP A 882 -39.21 -16.04 -9.26
N GLU A 883 -39.80 -16.72 -8.27
CA GLU A 883 -39.35 -16.55 -6.89
C GLU A 883 -37.97 -17.17 -6.68
N LEU A 884 -37.67 -18.29 -7.34
CA LEU A 884 -36.34 -18.88 -7.24
C LEU A 884 -35.29 -17.99 -7.89
N LEU A 885 -35.61 -17.40 -9.04
CA LEU A 885 -34.71 -16.46 -9.69
C LEU A 885 -34.47 -15.24 -8.82
N SER A 886 -35.53 -14.71 -8.19
CA SER A 886 -35.40 -13.57 -7.29
C SER A 886 -34.53 -13.92 -6.08
N TYR A 887 -34.73 -15.11 -5.51
CA TYR A 887 -33.96 -15.53 -4.34
C TYR A 887 -32.49 -15.74 -4.69
N TYR A 888 -32.21 -16.29 -5.87
CA TYR A 888 -30.82 -16.50 -6.27
C TYR A 888 -30.15 -15.19 -6.67
N THR A 889 -30.90 -14.22 -7.20
CA THR A 889 -30.30 -12.92 -7.48
C THR A 889 -30.06 -12.13 -6.20
N HIS A 890 -30.92 -12.29 -5.19
CA HIS A 890 -30.66 -11.70 -3.89
C HIS A 890 -29.49 -12.38 -3.20
N ALA A 891 -29.26 -13.66 -3.49
CA ALA A 891 -28.11 -14.37 -2.95
C ALA A 891 -26.83 -14.07 -3.71
N GLY A 892 -26.91 -13.31 -4.81
CA GLY A 892 -25.74 -12.92 -5.57
C GLY A 892 -25.25 -13.95 -6.58
N TYR A 893 -25.91 -15.09 -6.70
CA TYR A 893 -25.49 -16.09 -7.66
C TYR A 893 -25.87 -15.67 -9.07
N ARG A 894 -25.27 -16.34 -10.05
CA ARG A 894 -25.60 -16.13 -11.46
C ARG A 894 -26.44 -17.31 -11.94
N VAL A 895 -27.55 -17.02 -12.61
CA VAL A 895 -28.46 -18.06 -13.09
C VAL A 895 -28.57 -17.94 -14.60
N ILE A 896 -28.35 -19.05 -15.30
CA ILE A 896 -28.56 -19.11 -16.74
C ILE A 896 -29.56 -20.21 -17.05
N ALA A 897 -30.45 -19.94 -18.00
CA ALA A 897 -31.59 -20.81 -18.29
C ALA A 897 -31.23 -21.84 -19.34
N CYS A 898 -31.56 -23.09 -19.05
CA CYS A 898 -31.39 -24.22 -19.94
C CYS A 898 -32.75 -24.63 -20.50
N ALA A 899 -32.86 -24.71 -21.82
CA ALA A 899 -34.14 -24.93 -22.48
C ALA A 899 -34.02 -26.00 -23.55
N THR A 900 -35.15 -26.64 -23.84
CA THR A 900 -35.26 -27.64 -24.90
C THR A 900 -36.39 -27.22 -25.83
N LYS A 901 -36.04 -26.86 -27.06
CA LYS A 901 -37.04 -26.47 -28.05
C LYS A 901 -37.79 -27.71 -28.54
N ARG A 902 -39.12 -27.61 -28.61
CA ARG A 902 -39.95 -28.73 -29.07
C ARG A 902 -40.09 -28.64 -30.58
N ILE A 903 -39.24 -29.37 -31.29
CA ILE A 903 -39.23 -29.41 -32.76
C ILE A 903 -39.29 -30.86 -33.21
N PRO A 904 -40.10 -31.20 -34.21
CA PRO A 904 -40.16 -32.59 -34.67
C PRO A 904 -38.86 -33.04 -35.32
N LYS A 905 -38.67 -34.36 -35.34
CA LYS A 905 -37.45 -34.96 -35.86
C LYS A 905 -37.36 -34.89 -37.38
N LEU A 906 -38.41 -34.48 -38.07
CA LEU A 906 -38.44 -34.41 -39.54
C LEU A 906 -37.59 -33.26 -40.11
N ASN A 907 -36.82 -32.52 -39.32
CA ASN A 907 -36.02 -31.40 -39.81
C ASN A 907 -34.53 -31.70 -39.79
N LEU A 908 -34.15 -32.95 -40.03
CA LEU A 908 -32.74 -33.35 -40.09
C LEU A 908 -32.33 -33.56 -41.54
N VAL A 909 -31.27 -32.88 -41.94
CA VAL A 909 -30.71 -32.99 -43.29
C VAL A 909 -29.31 -32.39 -43.24
N SER A 910 -28.43 -32.85 -44.13
CA SER A 910 -27.07 -32.36 -44.15
C SER A 910 -27.01 -30.88 -44.53
N VAL A 911 -27.74 -30.49 -45.56
CA VAL A 911 -27.79 -29.07 -45.98
C VAL A 911 -28.97 -28.44 -45.25
N ASN A 912 -28.70 -28.04 -44.01
CA ASN A 912 -29.72 -27.44 -43.14
C ASN A 912 -29.25 -26.07 -42.70
N ARG A 913 -29.99 -25.03 -43.08
CA ARG A 913 -29.67 -23.66 -42.69
C ARG A 913 -30.96 -22.97 -42.32
N MET A 914 -31.12 -22.62 -41.05
CA MET A 914 -32.30 -21.94 -40.55
C MET A 914 -31.89 -20.70 -39.77
N THR A 915 -32.62 -19.61 -39.99
CA THR A 915 -32.34 -18.36 -39.29
C THR A 915 -32.81 -18.49 -37.84
N ARG A 916 -32.16 -17.74 -36.95
CA ARG A 916 -32.38 -17.88 -35.51
C ARG A 916 -33.82 -17.57 -35.11
N ASP A 917 -34.48 -16.63 -35.80
CA ASP A 917 -35.84 -16.25 -35.42
C ASP A 917 -36.84 -17.37 -35.66
N GLU A 918 -36.59 -18.21 -36.67
CA GLU A 918 -37.46 -19.35 -36.92
C GLU A 918 -37.39 -20.37 -35.79
N VAL A 919 -36.18 -20.67 -35.32
CA VAL A 919 -36.00 -21.62 -34.23
C VAL A 919 -36.48 -21.03 -32.90
N GLU A 920 -36.33 -19.71 -32.73
CA GLU A 920 -36.54 -19.05 -31.44
C GLU A 920 -37.96 -19.18 -30.90
N SER A 921 -38.93 -19.48 -31.76
CA SER A 921 -40.31 -19.68 -31.31
C SER A 921 -40.41 -20.87 -30.37
N GLY A 922 -41.11 -20.68 -29.25
CA GLY A 922 -41.24 -21.71 -28.22
C GLY A 922 -40.21 -21.54 -27.11
N LEU A 923 -39.23 -22.46 -27.05
CA LEU A 923 -38.08 -22.39 -26.13
C LEU A 923 -38.53 -22.34 -24.67
N ASP A 924 -39.16 -23.42 -24.23
CA ASP A 924 -39.53 -23.57 -22.83
C ASP A 924 -38.33 -24.06 -22.04
N PHE A 925 -38.06 -23.43 -20.90
CA PHE A 925 -36.85 -23.75 -20.14
C PHE A 925 -37.00 -25.10 -19.46
N VAL A 926 -35.88 -25.83 -19.37
CA VAL A 926 -35.86 -27.14 -18.74
C VAL A 926 -34.88 -27.20 -17.57
N GLY A 927 -34.37 -26.06 -17.13
CA GLY A 927 -33.55 -26.06 -15.94
C GLY A 927 -32.80 -24.76 -15.77
N PHE A 928 -32.08 -24.68 -14.65
CA PHE A 928 -31.22 -23.56 -14.30
C PHE A 928 -29.81 -24.05 -14.00
N ILE A 929 -28.82 -23.33 -14.49
CA ILE A 929 -27.41 -23.59 -14.20
C ILE A 929 -26.89 -22.41 -13.37
N ILE A 930 -26.23 -22.72 -12.26
CA ILE A 930 -25.89 -21.76 -11.22
C ILE A 930 -24.39 -21.55 -11.21
N PHE A 931 -23.98 -20.28 -11.20
CA PHE A 931 -22.59 -19.86 -11.07
C PHE A 931 -22.41 -19.08 -9.78
N GLU A 932 -21.21 -19.18 -9.21
CA GLU A 932 -20.89 -18.48 -7.98
C GLU A 932 -19.40 -18.17 -7.95
N ASN A 933 -19.02 -17.25 -7.06
CA ASN A 933 -17.63 -16.96 -6.76
C ASN A 933 -17.27 -17.78 -5.53
N LYS A 934 -16.82 -19.01 -5.76
CA LYS A 934 -16.47 -19.90 -4.66
C LYS A 934 -15.19 -19.40 -3.98
N LEU A 935 -15.27 -19.14 -2.68
CA LEU A 935 -14.15 -18.62 -1.94
C LEU A 935 -13.07 -19.69 -1.76
N LYS A 936 -11.85 -19.23 -1.52
CA LYS A 936 -10.74 -20.13 -1.29
C LYS A 936 -10.94 -20.87 0.03
N PRO A 937 -10.47 -22.13 0.12
CA PRO A 937 -10.74 -22.93 1.33
C PRO A 937 -10.15 -22.37 2.62
N THR A 938 -9.02 -21.68 2.54
CA THR A 938 -8.37 -21.15 3.73
C THR A 938 -8.73 -19.70 4.02
N THR A 939 -9.63 -19.10 3.23
CA THR A 939 -10.04 -17.72 3.47
C THR A 939 -10.78 -17.58 4.80
N THR A 940 -11.67 -18.53 5.11
CA THR A 940 -12.47 -18.44 6.33
C THR A 940 -11.60 -18.49 7.58
N SER A 941 -10.59 -19.37 7.59
CA SER A 941 -9.70 -19.47 8.74
C SER A 941 -8.91 -18.19 8.94
N VAL A 942 -8.44 -17.57 7.85
CA VAL A 942 -7.67 -16.34 7.96
C VAL A 942 -8.55 -15.20 8.46
N ILE A 943 -9.78 -15.11 7.96
CA ILE A 943 -10.69 -14.05 8.41
C ILE A 943 -11.04 -14.24 9.89
N LYS A 944 -11.28 -15.48 10.31
CA LYS A 944 -11.57 -15.73 11.71
C LYS A 944 -10.36 -15.43 12.60
N GLU A 945 -9.16 -15.75 12.11
CA GLU A 945 -7.95 -15.43 12.86
C GLU A 945 -7.76 -13.92 13.01
N LEU A 946 -8.00 -13.17 11.94
CA LEU A 946 -7.88 -11.71 12.01
C LEU A 946 -8.93 -11.11 12.93
N LEU A 947 -10.16 -11.65 12.90
CA LEU A 947 -11.20 -11.15 13.79
C LEU A 947 -10.89 -11.46 15.25
N SER A 948 -10.37 -12.66 15.53
CA SER A 948 -10.02 -13.02 16.90
C SER A 948 -8.77 -12.32 17.38
N SER A 949 -7.94 -11.81 16.46
CA SER A 949 -6.74 -11.07 16.81
C SER A 949 -7.00 -9.58 17.00
N ASN A 950 -8.27 -9.19 17.17
CA ASN A 950 -8.69 -7.80 17.39
C ASN A 950 -8.24 -6.90 16.24
N ILE A 951 -8.38 -7.40 15.02
CA ILE A 951 -8.08 -6.64 13.81
C ILE A 951 -9.32 -6.68 12.92
N GLY A 952 -9.93 -5.52 12.69
CA GLY A 952 -11.11 -5.48 11.85
C GLY A 952 -10.78 -5.75 10.40
N THR A 953 -11.74 -6.35 9.70
CA THR A 953 -11.60 -6.69 8.29
C THR A 953 -12.78 -6.14 7.52
N VAL A 954 -12.52 -5.43 6.43
CA VAL A 954 -13.55 -4.92 5.53
C VAL A 954 -13.29 -5.49 4.14
N MET A 955 -14.30 -5.36 3.28
CA MET A 955 -14.23 -5.83 1.90
C MET A 955 -14.50 -4.66 0.97
N ILE A 956 -13.56 -4.40 0.06
CA ILE A 956 -13.69 -3.34 -0.93
C ILE A 956 -13.63 -3.98 -2.30
N THR A 957 -14.71 -3.90 -3.07
CA THR A 957 -14.80 -4.60 -4.34
C THR A 957 -15.43 -3.68 -5.37
N GLY A 958 -15.72 -4.25 -6.55
CA GLY A 958 -16.28 -3.49 -7.65
C GLY A 958 -17.45 -4.14 -8.35
N ASP A 959 -17.89 -5.30 -7.86
CA ASP A 959 -19.03 -5.98 -8.44
C ASP A 959 -20.28 -5.65 -7.63
N ASN A 960 -21.38 -6.34 -7.94
CA ASN A 960 -22.66 -5.99 -7.33
C ASN A 960 -22.70 -6.37 -5.86
N ILE A 961 -23.58 -5.68 -5.12
CA ILE A 961 -23.66 -5.82 -3.67
C ILE A 961 -24.21 -7.18 -3.28
N ARG A 962 -25.00 -7.80 -4.17
CA ARG A 962 -25.70 -9.04 -3.83
C ARG A 962 -24.73 -10.19 -3.58
N THR A 963 -23.65 -10.28 -4.36
CA THR A 963 -22.69 -11.35 -4.13
C THR A 963 -21.58 -10.94 -3.16
N ALA A 964 -21.32 -9.64 -3.01
CA ALA A 964 -20.34 -9.20 -2.02
C ALA A 964 -20.83 -9.50 -0.61
N VAL A 965 -22.11 -9.27 -0.35
CA VAL A 965 -22.70 -9.56 0.96
C VAL A 965 -22.66 -11.07 1.23
N SER A 966 -22.98 -11.87 0.21
CA SER A 966 -22.96 -13.32 0.38
C SER A 966 -21.55 -13.84 0.64
N VAL A 967 -20.55 -13.32 -0.07
CA VAL A 967 -19.17 -13.71 0.17
C VAL A 967 -18.72 -13.27 1.56
N ALA A 968 -19.14 -12.08 2.00
CA ALA A 968 -18.81 -11.61 3.34
C ALA A 968 -19.43 -12.51 4.41
N ARG A 969 -20.66 -12.95 4.18
CA ARG A 969 -21.30 -13.88 5.12
C ARG A 969 -20.58 -15.22 5.15
N GLN A 970 -20.14 -15.70 3.98
CA GLN A 970 -19.43 -16.97 3.92
C GLN A 970 -18.08 -16.90 4.62
N CYS A 971 -17.32 -15.82 4.38
CA CYS A 971 -16.00 -15.68 4.98
C CYS A 971 -16.10 -15.45 6.48
N GLY A 972 -16.96 -14.54 6.89
CA GLY A 972 -17.09 -14.20 8.30
C GLY A 972 -16.87 -12.73 8.58
N ILE A 973 -16.73 -11.93 7.52
CA ILE A 973 -16.59 -10.49 7.67
C ILE A 973 -17.85 -9.92 8.31
N ILE A 974 -19.01 -10.34 7.83
CA ILE A 974 -20.28 -10.06 8.48
C ILE A 974 -20.67 -11.29 9.30
N GLU A 975 -20.98 -11.07 10.57
CA GLU A 975 -21.33 -12.16 11.47
C GLU A 975 -22.63 -12.84 11.03
N GLU A 976 -22.74 -14.13 11.33
CA GLU A 976 -23.92 -14.90 10.99
C GLU A 976 -25.14 -14.38 11.75
N HIS A 977 -26.29 -14.36 11.07
CA HIS A 977 -27.56 -13.84 11.60
C HIS A 977 -27.41 -12.38 12.06
N ALA A 978 -26.62 -11.62 11.32
CA ALA A 978 -26.49 -10.17 11.51
C ALA A 978 -27.02 -9.44 10.29
N HIS A 979 -27.95 -8.52 10.52
CA HIS A 979 -28.64 -7.85 9.43
C HIS A 979 -27.67 -6.93 8.70
N CYS A 980 -27.84 -6.83 7.39
CA CYS A 980 -27.01 -5.98 6.55
C CYS A 980 -27.84 -4.84 5.97
N TYR A 981 -27.37 -3.60 6.14
CA TYR A 981 -28.13 -2.42 5.73
C TYR A 981 -27.42 -1.69 4.60
N MET A 982 -28.18 -1.31 3.56
CA MET A 982 -27.72 -0.47 2.46
C MET A 982 -28.45 0.88 2.46
N PRO A 983 -27.74 1.96 2.12
CA PRO A 983 -28.42 3.24 1.88
C PRO A 983 -29.01 3.32 0.48
N ARG A 984 -30.19 3.93 0.39
CA ARG A 984 -30.87 4.14 -0.88
C ARG A 984 -31.35 5.58 -0.94
N PHE A 985 -31.51 6.09 -2.17
CA PHE A 985 -31.93 7.45 -2.43
C PHE A 985 -33.45 7.60 -2.50
N ILE A 986 -34.20 6.70 -1.87
CA ILE A 986 -35.65 6.69 -2.01
C ILE A 986 -36.28 7.88 -1.30
N GLU A 987 -35.83 8.18 -0.07
CA GLU A 987 -36.45 9.24 0.71
C GLU A 987 -36.17 10.64 0.18
N GLY A 988 -35.23 10.79 -0.75
CA GLY A 988 -34.92 12.08 -1.33
C GLY A 988 -34.82 11.99 -2.84
N ASN A 989 -34.00 12.86 -3.41
CA ASN A 989 -33.78 12.89 -4.84
C ASN A 989 -32.66 11.93 -5.22
N ALA A 990 -32.18 12.02 -6.46
CA ALA A 990 -31.16 11.08 -6.93
C ALA A 990 -29.78 11.44 -6.42
N ASP A 991 -29.28 12.61 -6.79
CA ASP A 991 -27.89 12.99 -6.51
C ASP A 991 -27.79 14.51 -6.61
N ASP A 992 -26.55 15.01 -6.73
CA ASP A 992 -26.24 16.42 -6.96
C ASP A 992 -26.72 17.31 -5.81
N CYS A 993 -26.11 17.07 -4.66
CA CYS A 993 -26.10 17.94 -3.48
C CYS A 993 -27.45 18.06 -2.79
N ASN A 994 -28.41 17.19 -3.10
CA ASN A 994 -29.70 17.23 -2.39
C ASN A 994 -30.33 15.84 -2.50
N ALA A 995 -30.26 15.07 -1.41
CA ALA A 995 -30.89 13.76 -1.35
C ALA A 995 -31.05 13.38 0.12
N LYS A 996 -32.00 12.49 0.38
CA LYS A 996 -32.28 11.98 1.72
C LYS A 996 -32.16 10.46 1.69
N LEU A 997 -31.17 9.93 2.40
CA LEU A 997 -30.87 8.51 2.37
C LEU A 997 -31.75 7.74 3.34
N ARG A 998 -32.27 6.60 2.88
CA ARG A 998 -32.96 5.65 3.74
C ARG A 998 -32.14 4.37 3.80
N TRP A 999 -31.81 3.93 5.01
CA TRP A 999 -30.92 2.79 5.20
C TRP A 999 -31.79 1.57 5.50
N GLU A 1000 -31.93 0.69 4.52
CA GLU A 1000 -32.82 -0.46 4.61
C GLU A 1000 -32.05 -1.76 4.60
N SER A 1001 -32.59 -2.77 5.30
CA SER A 1001 -31.94 -4.06 5.41
C SER A 1001 -32.05 -4.86 4.12
N ILE A 1002 -31.12 -5.79 3.95
CA ILE A 1002 -31.18 -6.72 2.82
C ILE A 1002 -32.28 -7.75 3.04
N ASN A 1003 -32.13 -8.55 4.09
CA ASN A 1003 -33.16 -9.50 4.49
C ASN A 1003 -34.04 -8.86 5.57
N ASN A 1004 -35.34 -9.17 5.52
CA ASN A 1004 -36.37 -8.61 6.40
C ASN A 1004 -36.37 -7.08 6.29
N PRO A 1005 -36.86 -6.52 5.17
CA PRO A 1005 -36.78 -5.06 4.98
C PRO A 1005 -37.70 -4.27 5.91
N ALA A 1006 -37.75 -2.96 5.69
CA ALA A 1006 -38.49 -1.98 6.49
C ALA A 1006 -37.96 -1.87 7.91
N LEU A 1007 -36.72 -2.31 8.15
CA LEU A 1007 -36.01 -2.06 9.40
C LEU A 1007 -35.02 -0.93 9.13
N GLU A 1008 -35.53 0.30 9.20
CA GLU A 1008 -34.78 1.47 8.78
C GLU A 1008 -33.71 1.83 9.81
N LEU A 1009 -32.84 2.77 9.41
CA LEU A 1009 -31.86 3.37 10.30
C LEU A 1009 -32.01 4.88 10.25
N ASP A 1010 -31.68 5.54 11.36
CA ASP A 1010 -31.71 6.98 11.40
C ASP A 1010 -30.59 7.55 10.52
N PRO A 1011 -30.89 8.40 9.54
CA PRO A 1011 -29.83 8.95 8.69
C PRO A 1011 -28.86 9.85 9.42
N TRP A 1012 -29.21 10.33 10.62
CA TRP A 1012 -28.34 11.23 11.36
C TRP A 1012 -27.48 10.53 12.41
N THR A 1013 -27.96 9.41 12.98
CA THR A 1013 -27.22 8.71 14.02
C THR A 1013 -26.81 7.29 13.63
N LEU A 1014 -27.38 6.73 12.56
CA LEU A 1014 -27.06 5.39 12.06
C LEU A 1014 -27.27 4.32 13.14
N LEU A 1015 -28.52 4.22 13.59
CA LEU A 1015 -28.90 3.30 14.65
C LEU A 1015 -30.10 2.47 14.21
N PRO A 1016 -30.18 1.22 14.66
CA PRO A 1016 -31.35 0.39 14.33
C PRO A 1016 -32.60 0.88 15.05
N MET A 1017 -33.59 1.30 14.28
CA MET A 1017 -34.83 1.80 14.85
C MET A 1017 -35.63 0.64 15.45
N PRO A 1018 -36.04 0.73 16.71
CA PRO A 1018 -36.74 -0.41 17.34
C PRO A 1018 -38.23 -0.47 17.00
N VAL A 1019 -38.65 0.27 15.98
CA VAL A 1019 -40.04 0.24 15.55
C VAL A 1019 -40.35 -1.09 14.85
N ILE A 1034 -26.77 -6.20 21.56
CA ILE A 1034 -26.44 -5.34 20.43
C ILE A 1034 -26.35 -6.13 19.11
N ARG A 1035 -27.51 -6.25 18.47
CA ARG A 1035 -27.60 -6.87 17.15
C ARG A 1035 -26.68 -6.16 16.16
N ASN A 1036 -25.86 -6.95 15.46
CA ASN A 1036 -24.79 -6.42 14.62
C ASN A 1036 -25.40 -5.69 13.42
N TYR A 1037 -25.02 -4.43 13.30
CA TYR A 1037 -25.45 -3.55 12.22
C TYR A 1037 -24.96 -3.94 10.82
N ALA A 1038 -23.69 -4.33 10.66
CA ALA A 1038 -23.10 -4.81 9.40
C ALA A 1038 -23.49 -3.96 8.18
N ILE A 1039 -23.15 -2.67 8.22
CA ILE A 1039 -23.60 -1.77 7.17
C ILE A 1039 -22.75 -1.90 5.89
N ALA A 1040 -23.43 -1.95 4.74
CA ALA A 1040 -22.76 -2.16 3.46
C ALA A 1040 -23.13 -1.07 2.47
N VAL A 1041 -22.30 -0.03 2.36
CA VAL A 1041 -22.61 1.11 1.49
C VAL A 1041 -22.30 0.64 0.06
N THR A 1042 -22.68 1.42 -0.95
CA THR A 1042 -22.32 1.13 -2.33
C THR A 1042 -21.28 2.18 -2.72
N GLY A 1043 -20.86 2.21 -3.98
CA GLY A 1043 -19.76 3.08 -4.38
C GLY A 1043 -20.22 4.47 -4.73
N ASP A 1044 -21.33 4.57 -5.46
CA ASP A 1044 -21.85 5.88 -5.85
C ASP A 1044 -22.39 6.63 -4.63
N VAL A 1045 -23.04 5.91 -3.72
CA VAL A 1045 -23.52 6.51 -2.47
C VAL A 1045 -22.36 6.92 -1.58
N PHE A 1046 -21.26 6.15 -1.59
CA PHE A 1046 -20.10 6.53 -0.79
C PHE A 1046 -19.51 7.85 -1.25
N ARG A 1047 -19.46 8.08 -2.57
CA ARG A 1047 -19.01 9.37 -3.08
C ARG A 1047 -19.97 10.48 -2.68
N TRP A 1048 -21.27 10.19 -2.66
CA TRP A 1048 -22.27 11.14 -2.19
C TRP A 1048 -22.01 11.55 -0.74
N ILE A 1049 -21.75 10.56 0.12
CA ILE A 1049 -21.51 10.84 1.54
C ILE A 1049 -20.22 11.60 1.75
N VAL A 1050 -19.15 11.23 1.02
CA VAL A 1050 -17.88 11.94 1.16
C VAL A 1050 -18.02 13.38 0.67
N ASP A 1051 -18.72 13.59 -0.45
CA ASP A 1051 -18.87 14.93 -1.01
C ASP A 1051 -19.70 15.82 -0.11
N HIS A 1052 -20.86 15.33 0.34
CA HIS A 1052 -21.75 16.16 1.16
C HIS A 1052 -22.56 15.27 2.12
N ALA A 1053 -22.09 15.20 3.36
CA ALA A 1053 -22.79 14.58 4.47
C ALA A 1053 -22.14 15.07 5.76
N PRO A 1054 -22.86 15.02 6.88
CA PRO A 1054 -22.23 15.39 8.15
C PRO A 1054 -21.03 14.50 8.46
N THR A 1055 -19.99 15.12 9.04
CA THR A 1055 -18.76 14.39 9.34
C THR A 1055 -18.99 13.31 10.38
N ASP A 1056 -19.94 13.52 11.30
CA ASP A 1056 -20.29 12.47 12.24
C ASP A 1056 -20.93 11.28 11.53
N VAL A 1057 -21.80 11.54 10.56
CA VAL A 1057 -22.42 10.47 9.78
C VAL A 1057 -21.37 9.73 8.95
N LEU A 1058 -20.45 10.48 8.32
CA LEU A 1058 -19.39 9.85 7.54
C LEU A 1058 -18.49 9.00 8.41
N HIS A 1059 -18.12 9.49 9.59
CA HIS A 1059 -17.27 8.70 10.49
C HIS A 1059 -18.00 7.48 11.03
N ARG A 1060 -19.30 7.62 11.31
CA ARG A 1060 -20.07 6.48 11.78
C ARG A 1060 -20.19 5.40 10.72
N MET A 1061 -20.48 5.78 9.47
CA MET A 1061 -20.50 4.78 8.40
C MET A 1061 -19.13 4.17 8.18
N LEU A 1062 -18.09 5.00 8.24
CA LEU A 1062 -16.73 4.56 7.95
C LEU A 1062 -16.24 3.56 9.00
N VAL A 1063 -16.58 3.80 10.27
CA VAL A 1063 -16.25 2.84 11.33
C VAL A 1063 -17.12 1.59 11.21
N LEU A 1064 -18.41 1.77 10.96
CA LEU A 1064 -19.34 0.64 10.91
C LEU A 1064 -19.24 -0.16 9.61
N GLY A 1065 -18.56 0.36 8.59
CA GLY A 1065 -18.55 -0.26 7.28
C GLY A 1065 -17.89 -1.62 7.27
N LYS A 1066 -18.50 -2.55 6.54
CA LYS A 1066 -17.94 -3.90 6.37
C LYS A 1066 -17.81 -4.32 4.91
N VAL A 1067 -18.75 -3.91 4.05
CA VAL A 1067 -18.75 -4.29 2.64
C VAL A 1067 -18.85 -3.01 1.82
N TYR A 1068 -17.95 -2.86 0.84
CA TYR A 1068 -17.92 -1.68 -0.03
C TYR A 1068 -17.91 -2.16 -1.48
N ALA A 1069 -19.08 -2.25 -2.09
CA ALA A 1069 -19.23 -2.77 -3.44
C ALA A 1069 -19.39 -1.65 -4.45
N ARG A 1070 -19.17 -2.00 -5.73
CA ARG A 1070 -19.22 -1.06 -6.86
C ARG A 1070 -18.29 0.13 -6.66
N MET A 1071 -17.09 -0.15 -6.17
CA MET A 1071 -16.10 0.89 -5.88
C MET A 1071 -15.01 0.86 -6.95
N SER A 1072 -14.83 2.00 -7.62
CA SER A 1072 -13.72 2.17 -8.55
C SER A 1072 -12.42 2.32 -7.75
N PRO A 1073 -11.27 2.07 -8.38
CA PRO A 1073 -9.99 2.25 -7.67
C PRO A 1073 -9.76 3.65 -7.14
N ASP A 1074 -10.29 4.68 -7.81
CA ASP A 1074 -10.24 6.03 -7.24
C ASP A 1074 -11.04 6.08 -5.94
N GLU A 1075 -12.23 5.48 -5.94
CA GLU A 1075 -13.01 5.40 -4.71
C GLU A 1075 -12.34 4.48 -3.69
N LYS A 1076 -11.59 3.48 -4.16
CA LYS A 1076 -10.84 2.61 -3.25
C LYS A 1076 -9.78 3.40 -2.48
N GLN A 1077 -8.99 4.20 -3.21
CA GLN A 1077 -7.97 4.99 -2.53
C GLN A 1077 -8.57 6.12 -1.71
N GLU A 1078 -9.72 6.66 -2.13
CA GLU A 1078 -10.41 7.65 -1.30
C GLU A 1078 -10.90 7.04 0.01
N LEU A 1079 -11.42 5.81 -0.04
CA LEU A 1079 -11.85 5.12 1.16
C LEU A 1079 -10.67 4.78 2.07
N VAL A 1080 -9.54 4.39 1.46
CA VAL A 1080 -8.34 4.11 2.24
C VAL A 1080 -7.85 5.37 2.95
N LYS A 1081 -7.84 6.50 2.24
CA LYS A 1081 -7.46 7.76 2.86
C LYS A 1081 -8.44 8.19 3.93
N LYS A 1082 -9.73 7.90 3.78
CA LYS A 1082 -10.68 8.18 4.86
C LYS A 1082 -10.39 7.34 6.10
N PHE A 1083 -10.03 6.06 5.88
CA PHE A 1083 -9.58 5.22 6.98
C PHE A 1083 -8.37 5.84 7.68
N GLN A 1084 -7.38 6.29 6.91
CA GLN A 1084 -6.24 6.94 7.54
C GLN A 1084 -6.64 8.25 8.21
N SER A 1085 -7.72 8.88 7.73
CA SER A 1085 -8.19 10.13 8.29
C SER A 1085 -8.90 9.93 9.62
N ILE A 1086 -9.30 8.70 9.95
CA ILE A 1086 -9.93 8.49 11.25
C ILE A 1086 -9.03 7.60 12.10
N ASP A 1087 -7.72 7.70 11.88
CA ASP A 1087 -6.64 7.07 12.64
C ASP A 1087 -6.61 5.54 12.50
N TYR A 1088 -7.33 4.98 11.54
CA TYR A 1088 -7.10 3.59 11.17
C TYR A 1088 -5.78 3.47 10.43
N SER A 1089 -4.92 2.56 10.86
CA SER A 1089 -3.70 2.24 10.13
C SER A 1089 -3.93 1.00 9.26
N CYS A 1090 -4.84 1.15 8.31
CA CYS A 1090 -5.33 0.03 7.53
C CYS A 1090 -4.30 -0.43 6.51
N GLY A 1091 -4.43 -1.71 6.12
CA GLY A 1091 -3.62 -2.26 5.06
C GLY A 1091 -4.54 -2.84 3.98
N PHE A 1092 -4.03 -2.88 2.76
CA PHE A 1092 -4.79 -3.36 1.62
C PHE A 1092 -4.23 -4.68 1.12
N CYS A 1093 -5.11 -5.58 0.69
CA CYS A 1093 -4.75 -6.93 0.27
C CYS A 1093 -5.52 -7.24 -1.01
N GLY A 1094 -4.91 -6.89 -2.14
CA GLY A 1094 -5.58 -6.98 -3.43
C GLY A 1094 -4.85 -7.87 -4.40
N ASP A 1095 -5.61 -8.58 -5.23
CA ASP A 1095 -5.05 -9.40 -6.29
C ASP A 1095 -4.57 -8.52 -7.44
N GLY A 1096 -3.48 -8.94 -8.07
CA GLY A 1096 -2.95 -8.23 -9.22
C GLY A 1096 -2.40 -6.86 -8.86
N ALA A 1097 -2.35 -6.00 -9.88
CA ALA A 1097 -1.83 -4.65 -9.70
C ALA A 1097 -2.71 -3.61 -10.37
N ASN A 1098 -3.96 -3.94 -10.70
CA ASN A 1098 -4.87 -2.96 -11.29
C ASN A 1098 -5.24 -1.89 -10.28
N ASP A 1099 -5.59 -2.30 -9.06
CA ASP A 1099 -5.89 -1.36 -7.97
C ASP A 1099 -4.66 -1.10 -7.10
N CYS A 1100 -3.53 -0.75 -7.73
CA CYS A 1100 -2.31 -0.49 -6.99
C CYS A 1100 -2.29 0.88 -6.34
N ALA A 1101 -3.21 1.77 -6.71
CA ALA A 1101 -3.34 3.05 -5.99
C ALA A 1101 -3.75 2.83 -4.54
N ALA A 1102 -4.67 1.89 -4.30
CA ALA A 1102 -5.03 1.55 -2.93
C ALA A 1102 -3.90 0.82 -2.21
N LEU A 1103 -3.11 0.04 -2.94
CA LEU A 1103 -1.97 -0.63 -2.34
C LEU A 1103 -0.92 0.37 -1.88
N LYS A 1104 -0.65 1.40 -2.68
CA LYS A 1104 0.32 2.40 -2.28
C LYS A 1104 -0.22 3.37 -1.24
N ALA A 1105 -1.52 3.69 -1.30
CA ALA A 1105 -2.09 4.61 -0.33
C ALA A 1105 -2.17 4.01 1.06
N ALA A 1106 -2.41 2.70 1.16
CA ALA A 1106 -2.49 2.04 2.45
C ALA A 1106 -1.11 1.93 3.10
N ASP A 1107 -1.13 1.68 4.41
CA ASP A 1107 0.11 1.51 5.16
C ASP A 1107 0.86 0.26 4.69
N VAL A 1108 0.14 -0.85 4.49
CA VAL A 1108 0.73 -2.08 4.01
C VAL A 1108 -0.03 -2.49 2.75
N GLY A 1109 0.71 -2.74 1.67
CA GLY A 1109 0.13 -2.93 0.36
C GLY A 1109 0.31 -4.31 -0.24
N ILE A 1110 0.04 -5.36 0.55
CA ILE A 1110 0.21 -6.75 0.12
C ILE A 1110 -0.53 -7.01 -1.18
N SER A 1111 0.21 -7.43 -2.20
CA SER A 1111 -0.34 -7.73 -3.51
C SER A 1111 -0.16 -9.21 -3.79
N LEU A 1112 -1.26 -9.90 -4.10
CA LEU A 1112 -1.23 -11.34 -4.36
C LEU A 1112 -1.06 -11.60 -5.85
N SER A 1113 0.12 -11.25 -6.34
CA SER A 1113 0.48 -11.43 -7.74
C SER A 1113 1.88 -12.03 -7.82
N GLU A 1114 2.33 -12.29 -9.04
CA GLU A 1114 3.65 -12.82 -9.27
C GLU A 1114 4.71 -11.78 -8.90
N ALA A 1115 5.92 -12.27 -8.59
CA ALA A 1115 6.99 -11.39 -8.15
C ALA A 1115 7.39 -10.39 -9.25
N GLU A 1116 7.37 -10.83 -10.50
CA GLU A 1116 7.68 -9.94 -11.61
C GLU A 1116 6.47 -9.18 -12.13
N ALA A 1117 5.26 -9.70 -11.91
CA ALA A 1117 4.05 -9.03 -12.35
C ALA A 1117 3.54 -8.00 -11.36
N SER A 1118 4.20 -7.85 -10.21
CA SER A 1118 3.78 -6.89 -9.19
C SER A 1118 4.50 -5.57 -9.38
N VAL A 1119 3.73 -4.49 -9.42
CA VAL A 1119 4.27 -3.14 -9.53
C VAL A 1119 3.58 -2.26 -8.50
N ALA A 1120 4.37 -1.37 -7.87
CA ALA A 1120 3.90 -0.38 -6.90
C ALA A 1120 3.15 -1.03 -5.74
N ALA A 1121 3.85 -1.93 -5.05
CA ALA A 1121 3.29 -2.63 -3.91
C ALA A 1121 4.41 -2.93 -2.93
N PRO A 1122 4.27 -2.54 -1.66
CA PRO A 1122 5.31 -2.86 -0.67
C PRO A 1122 5.56 -4.34 -0.47
N PHE A 1123 4.53 -5.18 -0.64
CA PHE A 1123 4.66 -6.60 -0.44
C PHE A 1123 4.15 -7.34 -1.68
N THR A 1124 4.55 -8.59 -1.81
CA THR A 1124 4.18 -9.40 -2.98
C THR A 1124 4.26 -10.86 -2.61
N SER A 1125 3.16 -11.59 -2.77
CA SER A 1125 3.07 -12.98 -2.33
C SER A 1125 2.88 -13.90 -3.53
N GLN A 1126 3.71 -14.95 -3.61
CA GLN A 1126 3.57 -15.91 -4.68
C GLN A 1126 2.34 -16.82 -4.47
N ILE A 1127 2.15 -17.30 -3.26
CA ILE A 1127 0.97 -18.12 -2.96
C ILE A 1127 -0.26 -17.22 -2.91
N PHE A 1128 -1.29 -17.62 -3.65
CA PHE A 1128 -2.43 -16.76 -3.92
C PHE A 1128 -3.50 -16.82 -2.85
N ASP A 1129 -3.28 -17.56 -1.78
CA ASP A 1129 -4.18 -17.52 -0.63
C ASP A 1129 -3.95 -16.25 0.18
N ILE A 1130 -4.89 -15.96 1.07
CA ILE A 1130 -4.76 -14.77 1.92
C ILE A 1130 -4.10 -15.15 3.24
N ARG A 1131 -3.49 -16.34 3.29
CA ARG A 1131 -2.74 -16.76 4.46
C ARG A 1131 -1.50 -15.91 4.70
N CYS A 1132 -1.08 -15.10 3.73
CA CYS A 1132 0.10 -14.26 3.87
C CYS A 1132 -0.16 -13.02 4.73
N VAL A 1133 -1.42 -12.61 4.89
CA VAL A 1133 -1.72 -11.48 5.76
C VAL A 1133 -1.39 -11.76 7.23
N PRO A 1134 -1.76 -12.91 7.82
CA PRO A 1134 -1.22 -13.21 9.17
C PRO A 1134 0.30 -13.27 9.22
N GLU A 1135 0.94 -13.78 8.17
CA GLU A 1135 2.41 -13.79 8.14
C GLU A 1135 2.97 -12.38 8.16
N VAL A 1136 2.41 -11.49 7.34
CA VAL A 1136 2.92 -10.12 7.25
C VAL A 1136 2.70 -9.38 8.56
N ILE A 1137 1.49 -9.50 9.13
CA ILE A 1137 1.18 -8.82 10.39
C ILE A 1137 2.03 -9.37 11.52
N ARG A 1138 2.24 -10.69 11.55
CA ARG A 1138 2.99 -11.32 12.64
C ARG A 1138 4.47 -10.95 12.59
N GLU A 1139 5.08 -11.06 11.40
CA GLU A 1139 6.48 -10.66 11.26
C GLU A 1139 6.64 -9.16 11.43
N GLY A 1140 5.63 -8.37 11.08
CA GLY A 1140 5.71 -6.94 11.32
C GLY A 1140 5.67 -6.59 12.80
N ARG A 1141 4.83 -7.29 13.57
CA ARG A 1141 4.81 -7.08 15.01
C ARG A 1141 6.13 -7.50 15.64
N ALA A 1142 6.69 -8.63 15.22
CA ALA A 1142 7.99 -9.05 15.72
C ALA A 1142 9.08 -8.05 15.37
N SER A 1143 9.06 -7.54 14.14
CA SER A 1143 10.04 -6.55 13.71
C SER A 1143 9.90 -5.25 14.48
N LEU A 1144 8.67 -4.83 14.77
CA LEU A 1144 8.45 -3.61 15.54
C LEU A 1144 9.00 -3.76 16.96
N VAL A 1145 8.71 -4.89 17.60
CA VAL A 1145 9.19 -5.09 18.97
C VAL A 1145 10.72 -5.19 18.99
N THR A 1146 11.31 -5.92 18.05
CA THR A 1146 12.76 -6.04 18.07
C THR A 1146 13.45 -4.74 17.64
N SER A 1147 12.77 -3.90 16.85
CA SER A 1147 13.36 -2.61 16.49
C SER A 1147 13.32 -1.65 17.66
N PHE A 1148 12.23 -1.67 18.44
CA PHE A 1148 12.19 -0.88 19.66
C PHE A 1148 13.23 -1.36 20.66
N SER A 1149 13.42 -2.69 20.75
CA SER A 1149 14.44 -3.24 21.63
C SER A 1149 15.84 -2.84 21.19
N CYS A 1150 16.10 -2.86 19.89
CA CYS A 1150 17.41 -2.42 19.38
C CYS A 1150 17.63 -0.93 19.64
N PHE A 1151 16.59 -0.11 19.47
CA PHE A 1151 16.74 1.32 19.77
C PHE A 1151 17.03 1.55 21.24
N LYS A 1152 16.33 0.85 22.12
CA LYS A 1152 16.58 1.00 23.55
C LYS A 1152 17.97 0.50 23.92
N TYR A 1153 18.42 -0.59 23.30
CA TYR A 1153 19.76 -1.11 23.56
C TYR A 1153 20.83 -0.14 23.06
N MET A 1154 20.62 0.49 21.91
CA MET A 1154 21.59 1.43 21.38
C MET A 1154 21.66 2.69 22.24
N SER A 1155 20.50 3.18 22.69
CA SER A 1155 20.50 4.34 23.58
C SER A 1155 21.15 4.01 24.92
N LEU A 1156 20.90 2.81 25.45
CA LEU A 1156 21.55 2.38 26.68
C LEU A 1156 23.05 2.26 26.49
N TYR A 1157 23.49 1.75 25.34
CA TYR A 1157 24.92 1.67 25.05
C TYR A 1157 25.55 3.06 25.03
N SER A 1158 24.88 4.02 24.37
CA SER A 1158 25.38 5.38 24.32
C SER A 1158 25.49 5.99 25.71
N PHE A 1159 24.45 5.79 26.54
CA PHE A 1159 24.46 6.40 27.86
C PHE A 1159 25.47 5.72 28.79
N ILE A 1160 25.63 4.40 28.68
CA ILE A 1160 26.61 3.70 29.50
C ILE A 1160 28.02 4.13 29.13
N GLN A 1161 28.32 4.23 27.83
CA GLN A 1161 29.64 4.71 27.43
C GLN A 1161 29.87 6.15 27.85
N PHE A 1162 28.84 6.99 27.73
CA PHE A 1162 28.96 8.38 28.17
C PHE A 1162 29.26 8.46 29.66
N THR A 1163 28.59 7.65 30.48
CA THR A 1163 28.87 7.64 31.91
C THR A 1163 30.26 7.12 32.20
N SER A 1164 30.68 6.04 31.55
CA SER A 1164 31.97 5.43 31.84
C SER A 1164 33.13 6.26 31.31
N VAL A 1165 32.89 7.19 30.40
CA VAL A 1165 33.96 8.04 29.90
C VAL A 1165 33.93 9.38 30.63
N SER A 1166 32.75 9.82 31.05
CA SER A 1166 32.64 11.05 31.83
C SER A 1166 33.08 10.86 33.28
N PHE A 1167 33.04 9.65 33.80
CA PHE A 1167 33.64 9.38 35.11
C PHE A 1167 35.16 9.33 35.05
N LEU A 1168 35.74 9.22 33.85
CA LEU A 1168 37.19 9.19 33.69
C LEU A 1168 37.77 10.50 33.19
N TYR A 1169 36.98 11.33 32.50
CA TYR A 1169 37.45 12.64 32.07
C TYR A 1169 37.70 13.61 33.21
N VAL A 1170 37.26 13.29 34.43
CA VAL A 1170 37.55 14.16 35.56
C VAL A 1170 39.03 14.13 35.92
N SER A 1171 39.78 13.11 35.48
CA SER A 1171 41.20 13.00 35.73
C SER A 1171 42.00 12.90 34.44
N ALA A 1172 41.44 13.43 33.34
CA ALA A 1172 42.07 13.46 32.02
C ALA A 1172 42.47 12.07 31.53
N SER A 1173 41.61 11.09 31.78
CA SER A 1173 41.82 9.72 31.33
C SER A 1173 40.57 9.25 30.60
N ASN A 1174 40.72 8.14 29.87
CA ASN A 1174 39.61 7.52 29.17
C ASN A 1174 39.95 6.06 28.92
N LEU A 1175 39.00 5.32 28.36
CA LEU A 1175 39.22 3.92 28.05
C LEU A 1175 40.24 3.77 26.92
N GLY A 1176 40.79 2.58 26.82
CA GLY A 1176 41.88 2.33 25.89
C GLY A 1176 41.44 2.34 24.43
N ASP A 1177 42.44 2.37 23.56
CA ASP A 1177 42.19 2.32 22.13
C ASP A 1177 41.60 0.97 21.72
N PHE A 1178 41.90 -0.09 22.47
CA PHE A 1178 41.35 -1.40 22.17
C PHE A 1178 40.17 -1.77 23.07
N GLN A 1179 40.04 -1.17 24.24
CA GLN A 1179 38.84 -1.37 25.04
C GLN A 1179 37.62 -0.81 24.33
N PHE A 1180 37.76 0.38 23.75
CA PHE A 1180 36.69 0.96 22.92
C PHE A 1180 36.38 0.06 21.74
N LEU A 1181 37.42 -0.52 21.13
CA LEU A 1181 37.23 -1.42 20.00
C LEU A 1181 36.45 -2.66 20.40
N TYR A 1182 36.81 -3.25 21.54
CA TYR A 1182 36.13 -4.44 22.04
C TYR A 1182 34.67 -4.14 22.33
N ILE A 1183 34.41 -3.02 23.00
CA ILE A 1183 33.04 -2.62 23.32
C ILE A 1183 32.22 -2.35 22.06
N ASP A 1184 32.81 -1.63 21.10
CA ASP A 1184 32.05 -1.19 19.94
C ASP A 1184 31.97 -2.23 18.83
N LEU A 1185 32.76 -3.29 18.89
CA LEU A 1185 32.81 -4.24 17.80
C LEU A 1185 32.46 -5.67 18.20
N MET A 1186 32.73 -6.08 19.44
CA MET A 1186 32.43 -7.45 19.84
C MET A 1186 31.47 -7.55 21.01
N LEU A 1187 30.80 -6.45 21.37
CA LEU A 1187 29.80 -6.45 22.43
C LEU A 1187 28.49 -5.77 22.08
N ILE A 1188 28.44 -4.87 21.10
CA ILE A 1188 27.21 -4.20 20.72
C ILE A 1188 26.75 -4.62 19.33
N LEU A 1189 27.67 -4.80 18.39
CA LEU A 1189 27.25 -5.27 17.06
C LEU A 1189 26.86 -6.75 17.06
N PRO A 1190 27.65 -7.69 17.61
CA PRO A 1190 27.17 -9.08 17.63
C PRO A 1190 25.92 -9.27 18.49
N ILE A 1191 25.86 -8.65 19.66
CA ILE A 1191 24.68 -8.78 20.51
C ILE A 1191 23.46 -8.12 19.85
N ALA A 1192 23.67 -7.02 19.13
CA ALA A 1192 22.56 -6.40 18.42
C ALA A 1192 22.05 -7.28 17.29
N VAL A 1193 22.95 -7.76 16.42
CA VAL A 1193 22.52 -8.56 15.28
C VAL A 1193 22.10 -9.97 15.64
N PHE A 1194 22.34 -10.42 16.87
CA PHE A 1194 21.82 -11.70 17.31
C PHE A 1194 20.64 -11.58 18.25
N MET A 1195 20.41 -10.41 18.83
CA MET A 1195 19.17 -10.12 19.52
C MET A 1195 18.06 -9.82 18.53
N SER A 1196 18.41 -9.26 17.38
CA SER A 1196 17.44 -9.03 16.32
C SER A 1196 17.17 -10.28 15.47
N TRP A 1197 17.67 -11.44 15.88
CA TRP A 1197 17.52 -12.69 15.14
C TRP A 1197 16.64 -13.61 15.98
N ALA A 1198 15.33 -13.47 15.82
CA ALA A 1198 14.37 -14.41 16.39
C ALA A 1198 13.05 -14.27 15.65
N GLY A 1199 12.39 -15.39 15.40
CA GLY A 1199 11.13 -15.39 14.71
C GLY A 1199 10.00 -14.93 15.60
N PRO A 1200 8.83 -14.70 15.00
CA PRO A 1200 7.67 -14.31 15.77
C PRO A 1200 6.97 -15.50 16.42
N HIS A 1201 6.22 -15.20 17.47
CA HIS A 1201 5.37 -16.21 18.10
C HIS A 1201 4.29 -16.63 17.13
N SER A 1202 4.05 -17.94 17.03
CA SER A 1202 3.22 -18.48 15.96
C SER A 1202 1.77 -18.00 16.05
N LYS A 1203 1.22 -17.95 17.25
CA LYS A 1203 -0.16 -17.53 17.43
C LYS A 1203 -0.26 -16.00 17.37
N LEU A 1204 -1.18 -15.50 16.56
CA LEU A 1204 -1.43 -14.06 16.50
C LEU A 1204 -2.21 -13.64 17.74
N CYS A 1205 -1.54 -12.91 18.64
CA CYS A 1205 -2.16 -12.50 19.89
C CYS A 1205 -3.12 -11.34 19.67
N ALA A 1206 -3.99 -11.12 20.66
CA ALA A 1206 -4.95 -10.04 20.60
C ALA A 1206 -4.36 -8.68 20.99
N LYS A 1207 -3.14 -8.66 21.50
CA LYS A 1207 -2.50 -7.41 21.91
C LYS A 1207 -1.88 -6.72 20.69
N ARG A 1208 -1.49 -5.46 20.90
CA ARG A 1208 -0.83 -4.68 19.88
C ARG A 1208 0.45 -4.10 20.46
N PRO A 1209 1.59 -4.26 19.81
CA PRO A 1209 2.84 -3.71 20.34
C PRO A 1209 2.84 -2.19 20.30
N VAL A 1210 3.61 -1.61 21.21
CA VAL A 1210 3.74 -0.15 21.27
C VAL A 1210 4.48 0.33 20.03
N SER A 1211 3.93 1.37 19.39
CA SER A 1211 4.50 1.89 18.15
C SER A 1211 4.93 3.34 18.26
N ASP A 1212 4.80 3.96 19.42
CA ASP A 1212 5.21 5.34 19.63
C ASP A 1212 6.53 5.36 20.41
N LEU A 1213 7.53 6.03 19.85
CA LEU A 1213 8.86 6.11 20.46
C LEU A 1213 8.98 7.26 21.45
N VAL A 1214 7.93 8.05 21.62
CA VAL A 1214 7.97 9.21 22.50
C VAL A 1214 7.14 8.99 23.77
N SER A 1215 6.12 8.13 23.73
CA SER A 1215 5.20 7.94 24.84
C SER A 1215 5.90 7.36 26.07
N ARG A 1216 5.22 7.45 27.20
CA ARG A 1216 5.78 7.08 28.50
C ARG A 1216 6.04 5.58 28.64
N LYS A 1217 5.50 4.75 27.75
CA LYS A 1217 5.75 3.32 27.84
C LYS A 1217 7.10 2.92 27.28
N VAL A 1218 7.82 3.84 26.64
CA VAL A 1218 9.12 3.56 26.04
C VAL A 1218 10.23 4.35 26.73
N LEU A 1219 10.04 5.67 26.88
CA LEU A 1219 11.09 6.52 27.43
C LEU A 1219 11.33 6.26 28.91
N VAL A 1220 10.27 6.02 29.67
CA VAL A 1220 10.42 5.79 31.12
C VAL A 1220 11.23 4.54 31.44
N PRO A 1221 10.96 3.36 30.85
CA PRO A 1221 11.88 2.23 31.08
C PRO A 1221 13.30 2.49 30.60
N LEU A 1222 13.46 3.20 29.48
CA LEU A 1222 14.79 3.51 28.98
C LEU A 1222 15.53 4.46 29.93
N LEU A 1223 14.84 5.50 30.42
CA LEU A 1223 15.47 6.43 31.34
C LEU A 1223 15.82 5.76 32.66
N SER A 1224 14.93 4.88 33.16
CA SER A 1224 15.23 4.18 34.41
C SER A 1224 16.37 3.18 34.23
N HIS A 1225 16.47 2.55 33.06
CA HIS A 1225 17.62 1.70 32.77
C HIS A 1225 18.91 2.50 32.74
N VAL A 1226 18.86 3.70 32.14
CA VAL A 1226 20.03 4.59 32.14
C VAL A 1226 20.42 4.93 33.57
N PHE A 1227 19.42 5.24 34.41
CA PHE A 1227 19.69 5.61 35.80
C PHE A 1227 20.32 4.45 36.58
N VAL A 1228 19.81 3.22 36.39
CA VAL A 1228 20.37 2.11 37.15
C VAL A 1228 21.76 1.74 36.64
N CYS A 1229 22.02 1.89 35.33
CA CYS A 1229 23.37 1.69 34.82
C CYS A 1229 24.34 2.70 35.39
N VAL A 1230 23.93 3.97 35.47
CA VAL A 1230 24.76 5.01 36.07
C VAL A 1230 25.02 4.71 37.54
N MET A 1231 24.00 4.24 38.25
CA MET A 1231 24.15 3.92 39.66
C MET A 1231 25.13 2.76 39.88
N ILE A 1232 25.03 1.72 39.06
CA ILE A 1232 25.92 0.57 39.23
C ILE A 1232 27.36 0.95 38.88
N GLN A 1233 27.55 1.74 37.83
CA GLN A 1233 28.90 2.19 37.49
C GLN A 1233 29.48 3.09 38.57
N ALA A 1234 28.66 3.98 39.14
CA ALA A 1234 29.12 4.86 40.21
C ALA A 1234 29.49 4.06 41.45
N LEU A 1235 28.70 3.04 41.79
CA LEU A 1235 29.03 2.20 42.94
C LEU A 1235 30.30 1.40 42.70
N ALA A 1236 30.52 0.93 41.46
CA ALA A 1236 31.77 0.25 41.14
C ALA A 1236 32.97 1.19 41.27
N TRP A 1237 32.83 2.42 40.79
CA TRP A 1237 33.89 3.42 40.92
C TRP A 1237 34.19 3.74 42.38
N VAL A 1238 33.14 3.89 43.19
CA VAL A 1238 33.33 4.16 44.62
C VAL A 1238 33.99 2.98 45.31
N ALA A 1239 33.61 1.75 44.93
CA ALA A 1239 34.20 0.56 45.53
C ALA A 1239 35.68 0.43 45.16
N VAL A 1240 36.04 0.74 43.92
CA VAL A 1240 37.45 0.63 43.55
C VAL A 1240 38.27 1.79 44.12
N ARG A 1241 37.65 2.93 44.41
CA ARG A 1241 38.41 4.05 44.95
C ARG A 1241 38.81 3.87 46.41
N GLN A 1242 38.28 2.86 47.10
CA GLN A 1242 38.64 2.61 48.50
C GLN A 1242 39.50 1.37 48.69
N GLN A 1243 39.99 0.76 47.62
CA GLN A 1243 40.82 -0.41 47.77
C GLN A 1243 42.24 -0.03 48.19
N PRO A 1244 42.91 -0.87 48.99
CA PRO A 1244 44.30 -0.58 49.37
C PRO A 1244 45.28 -0.55 48.21
N TRP A 1245 45.06 -1.39 47.19
CA TRP A 1245 45.94 -1.48 46.04
C TRP A 1245 45.55 -0.51 44.93
N TYR A 1246 44.83 0.56 45.26
CA TYR A 1246 44.31 1.48 44.26
C TYR A 1246 45.44 2.21 43.56
N ILE A 1247 45.40 2.23 42.23
CA ILE A 1247 46.34 2.98 41.41
C ILE A 1247 45.61 4.21 40.90
N PRO A 1248 45.84 5.39 41.49
CA PRO A 1248 45.08 6.56 41.09
C PRO A 1248 45.46 7.01 39.69
N PRO A 1249 44.52 7.59 38.93
CA PRO A 1249 44.87 8.12 37.61
C PRO A 1249 45.80 9.32 37.73
N ILE A 1250 46.67 9.46 36.72
CA ILE A 1250 47.67 10.52 36.66
C ILE A 1250 47.27 11.47 35.55
N VAL A 1251 47.14 12.75 35.88
CA VAL A 1251 46.84 13.77 34.88
C VAL A 1251 48.07 13.97 34.01
N ASP A 1252 47.89 13.82 32.70
CA ASP A 1252 48.99 13.91 31.75
C ASP A 1252 48.60 14.84 30.60
N THR A 1253 49.60 15.48 30.00
CA THR A 1253 49.39 16.49 28.98
C THR A 1253 49.56 15.96 27.56
N GLU A 1254 50.68 15.26 27.30
CA GLU A 1254 50.95 14.82 25.93
C GLU A 1254 50.05 13.66 25.52
N LYS A 1255 49.87 12.67 26.40
CA LYS A 1255 49.04 11.52 26.11
C LYS A 1255 48.30 11.10 27.37
N SER A 1256 46.99 10.86 27.24
CA SER A 1256 46.17 10.49 28.38
C SER A 1256 46.47 9.06 28.81
N ASN A 1257 46.82 8.87 30.08
CA ASN A 1257 47.15 7.55 30.58
C ASN A 1257 45.89 6.69 30.68
N ILE A 1258 46.07 5.39 30.51
CA ILE A 1258 44.94 4.46 30.45
C ILE A 1258 45.08 3.43 31.55
N GLU A 1259 46.32 3.13 31.94
CA GLU A 1259 46.61 2.11 32.94
C GLU A 1259 46.42 2.69 34.34
N ASN A 1260 45.16 2.81 34.74
CA ASN A 1260 44.81 3.23 36.09
C ASN A 1260 43.70 2.32 36.62
N SER A 1261 43.62 2.21 37.94
CA SER A 1261 42.75 1.21 38.54
C SER A 1261 41.27 1.57 38.46
N GLU A 1262 40.94 2.83 38.20
CA GLU A 1262 39.55 3.21 38.00
C GLU A 1262 39.16 3.18 36.53
N ASN A 1263 40.05 2.73 35.65
CA ASN A 1263 39.73 2.46 34.25
C ASN A 1263 39.34 1.01 34.03
N THR A 1264 40.04 0.08 34.67
CA THR A 1264 39.70 -1.34 34.53
C THR A 1264 38.33 -1.65 35.13
N THR A 1265 38.01 -1.05 36.26
CA THR A 1265 36.71 -1.24 36.89
C THR A 1265 35.59 -0.72 35.99
N LEU A 1266 35.77 0.49 35.46
CA LEU A 1266 34.79 1.08 34.56
C LEU A 1266 34.79 0.44 33.19
N PHE A 1267 35.78 -0.39 32.87
CA PHE A 1267 35.73 -1.18 31.65
C PHE A 1267 34.92 -2.46 31.87
N PHE A 1268 35.20 -3.18 32.95
CA PHE A 1268 34.55 -4.45 33.17
C PHE A 1268 33.10 -4.29 33.59
N ALA A 1269 32.82 -3.32 34.46
CA ALA A 1269 31.43 -3.05 34.83
C ALA A 1269 30.63 -2.59 33.61
N SER A 1270 31.25 -1.80 32.72
CA SER A 1270 30.59 -1.40 31.49
C SER A 1270 30.32 -2.60 30.59
N CYS A 1271 31.28 -3.53 30.47
CA CYS A 1271 31.07 -4.71 29.64
C CYS A 1271 29.92 -5.57 30.16
N PHE A 1272 29.86 -5.75 31.48
CA PHE A 1272 28.74 -6.49 32.06
C PHE A 1272 27.42 -5.74 31.84
N GLU A 1273 27.44 -4.43 31.98
CA GLU A 1273 26.24 -3.63 31.73
C GLU A 1273 25.86 -3.55 30.27
N TYR A 1274 26.73 -3.98 29.36
CA TYR A 1274 26.35 -4.12 27.96
C TYR A 1274 25.73 -5.48 27.69
N ILE A 1275 26.40 -6.55 28.11
CA ILE A 1275 25.92 -7.90 27.85
C ILE A 1275 24.59 -8.15 28.54
N LEU A 1276 24.50 -7.79 29.83
CA LEU A 1276 23.28 -8.06 30.57
C LEU A 1276 22.14 -7.12 30.18
N SER A 1277 22.46 -5.92 29.68
CA SER A 1277 21.40 -5.08 29.13
C SER A 1277 20.89 -5.62 27.81
N GLY A 1278 21.77 -6.23 27.01
CA GLY A 1278 21.30 -6.92 25.82
C GLY A 1278 20.42 -8.10 26.17
N VAL A 1279 20.75 -8.78 27.27
CA VAL A 1279 19.90 -9.88 27.73
C VAL A 1279 18.54 -9.36 28.19
N VAL A 1280 18.53 -8.30 28.99
CA VAL A 1280 17.30 -7.81 29.60
C VAL A 1280 16.36 -7.24 28.55
N LEU A 1281 16.89 -6.43 27.64
CA LEU A 1281 16.05 -5.72 26.67
C LEU A 1281 15.53 -6.61 25.55
N ASN A 1282 15.99 -7.85 25.46
CA ASN A 1282 15.49 -8.76 24.43
C ASN A 1282 14.03 -9.10 24.70
N ALA A 1283 13.24 -9.14 23.62
CA ALA A 1283 11.82 -9.44 23.74
C ALA A 1283 11.61 -10.92 24.04
N GLY A 1284 10.41 -11.23 24.54
CA GLY A 1284 10.10 -12.58 24.96
C GLY A 1284 8.86 -13.17 24.31
N ARG A 1285 8.01 -13.76 25.14
CA ARG A 1285 6.86 -14.53 24.65
C ARG A 1285 5.84 -13.76 23.80
N PRO A 1286 5.33 -12.57 24.20
CA PRO A 1286 4.08 -12.08 23.58
C PRO A 1286 4.13 -11.82 22.08
N PHE A 1287 5.28 -11.45 21.52
CA PHE A 1287 5.33 -11.11 20.11
C PHE A 1287 6.47 -11.75 19.33
N ARG A 1288 7.48 -12.31 19.99
CA ARG A 1288 8.63 -12.90 19.32
C ARG A 1288 8.91 -14.27 19.91
N GLN A 1289 9.89 -14.95 19.33
CA GLN A 1289 10.31 -16.24 19.88
C GLN A 1289 10.96 -16.05 21.24
N SER A 1290 10.73 -17.01 22.13
CA SER A 1290 11.32 -16.95 23.45
C SER A 1290 12.85 -17.07 23.35
N PRO A 1291 13.59 -16.38 24.21
CA PRO A 1291 15.07 -16.49 24.15
C PRO A 1291 15.58 -17.89 24.39
N LEU A 1292 14.86 -18.70 25.17
CA LEU A 1292 15.26 -20.09 25.35
C LEU A 1292 15.08 -20.90 24.07
N GLU A 1293 14.03 -20.60 23.30
CA GLU A 1293 13.73 -21.37 22.10
C GLU A 1293 14.66 -21.05 20.93
N THR A 1294 15.38 -19.93 20.98
CA THR A 1294 16.30 -19.55 19.91
C THR A 1294 17.74 -19.72 20.38
N TRP A 1295 18.54 -20.36 19.55
CA TRP A 1295 19.95 -20.62 19.87
C TRP A 1295 20.89 -19.44 19.66
N PRO A 1296 20.97 -18.79 18.45
CA PRO A 1296 22.12 -17.91 18.18
C PRO A 1296 22.10 -16.58 18.93
N PHE A 1297 21.15 -16.38 19.84
CA PHE A 1297 21.22 -15.28 20.79
C PHE A 1297 21.79 -15.74 22.13
N LEU A 1298 21.32 -16.87 22.65
CA LEU A 1298 21.87 -17.42 23.88
C LEU A 1298 23.33 -17.82 23.70
N SER A 1299 23.66 -18.38 22.54
CA SER A 1299 25.05 -18.73 22.26
C SER A 1299 25.93 -17.49 22.19
N ALA A 1300 25.42 -16.42 21.57
CA ALA A 1300 26.18 -15.17 21.48
C ALA A 1300 26.39 -14.56 22.86
N VAL A 1301 25.35 -14.56 23.70
CA VAL A 1301 25.47 -14.05 25.05
C VAL A 1301 26.47 -14.88 25.85
N ALA A 1302 26.41 -16.21 25.73
CA ALA A 1302 27.33 -17.07 26.45
C ALA A 1302 28.76 -16.84 26.01
N VAL A 1303 28.99 -16.69 24.70
CA VAL A 1303 30.35 -16.47 24.20
C VAL A 1303 30.88 -15.12 24.67
N THR A 1304 30.10 -14.05 24.49
CA THR A 1304 30.55 -12.72 24.85
C THR A 1304 30.63 -12.52 26.36
N LEU A 1305 29.98 -13.36 27.16
CA LEU A 1305 30.07 -13.28 28.60
C LEU A 1305 31.21 -14.13 29.15
N ILE A 1306 31.43 -15.31 28.58
CA ILE A 1306 32.55 -16.16 28.99
C ILE A 1306 33.87 -15.53 28.59
N ALA A 1307 33.93 -14.87 27.43
CA ALA A 1307 35.15 -14.17 27.03
C ALA A 1307 35.48 -13.06 28.01
N THR A 1308 34.48 -12.26 28.40
CA THR A 1308 34.72 -11.18 29.34
C THR A 1308 35.05 -11.70 30.73
N LEU A 1309 34.41 -12.81 31.14
CA LEU A 1309 34.69 -13.40 32.44
C LEU A 1309 36.10 -13.97 32.51
N LEU A 1310 36.56 -14.60 31.42
CA LEU A 1310 37.93 -15.10 31.40
C LEU A 1310 38.95 -13.97 31.31
N MET A 1311 38.59 -12.87 30.63
CA MET A 1311 39.45 -11.69 30.63
C MET A 1311 39.54 -11.08 32.03
N LEU A 1312 38.44 -11.06 32.76
CA LEU A 1312 38.44 -10.50 34.11
C LEU A 1312 39.21 -11.40 35.08
N LEU A 1313 38.95 -12.70 35.04
CA LEU A 1313 39.47 -13.59 36.07
C LEU A 1313 40.90 -14.03 35.77
N VAL A 1314 41.12 -14.65 34.61
CA VAL A 1314 42.42 -15.22 34.27
C VAL A 1314 42.92 -14.72 32.92
N PRO A 1315 43.29 -13.44 32.80
CA PRO A 1315 43.80 -12.94 31.53
C PRO A 1315 45.24 -13.36 31.31
N PRO A 1316 45.60 -13.74 30.09
CA PRO A 1316 47.00 -14.07 29.80
C PRO A 1316 47.88 -12.82 29.80
N TYR A 1317 49.19 -13.05 29.78
CA TYR A 1317 50.14 -11.95 29.82
C TYR A 1317 50.01 -11.06 28.58
N TRP A 1318 49.74 -11.65 27.42
CA TRP A 1318 49.56 -10.88 26.21
C TRP A 1318 48.29 -10.04 26.21
N LEU A 1319 47.36 -10.31 27.12
CA LEU A 1319 46.13 -9.52 27.22
C LEU A 1319 46.21 -8.38 28.23
N PHE A 1320 47.30 -8.27 28.99
CA PHE A 1320 47.45 -7.14 29.90
C PHE A 1320 47.93 -5.90 29.15
N GLU A 1321 49.08 -5.98 28.49
CA GLU A 1321 49.62 -4.83 27.78
C GLU A 1321 48.83 -4.50 26.53
N PHE A 1322 48.10 -5.46 25.98
CA PHE A 1322 47.31 -5.20 24.77
C PHE A 1322 46.11 -4.33 25.07
N MET A 1323 45.38 -4.64 26.14
CA MET A 1323 44.13 -3.98 26.46
C MET A 1323 44.27 -3.00 27.62
N GLN A 1324 45.47 -2.81 28.14
CA GLN A 1324 45.78 -1.83 29.19
C GLN A 1324 44.97 -2.07 30.46
N LEU A 1325 44.99 -3.30 30.94
CA LEU A 1325 44.37 -3.62 32.22
C LEU A 1325 45.29 -3.26 33.38
N THR A 1326 44.74 -3.40 34.58
CA THR A 1326 45.46 -3.15 35.82
C THR A 1326 45.22 -4.34 36.74
N TRP A 1327 46.23 -4.68 37.55
CA TRP A 1327 46.09 -5.76 38.51
C TRP A 1327 45.02 -5.43 39.54
N MET A 1328 44.18 -6.42 39.82
CA MET A 1328 43.06 -6.26 40.76
C MET A 1328 43.02 -7.45 41.69
N SER A 1329 42.44 -7.23 42.87
CA SER A 1329 42.26 -8.31 43.84
C SER A 1329 41.26 -9.33 43.31
N TRP A 1330 41.50 -10.60 43.66
CA TRP A 1330 40.57 -11.66 43.28
C TRP A 1330 39.21 -11.45 43.94
N THR A 1331 39.19 -11.05 45.21
CA THR A 1331 37.93 -10.73 45.86
C THR A 1331 37.27 -9.51 45.21
N PHE A 1332 38.06 -8.59 44.65
CA PHE A 1332 37.45 -7.48 43.94
C PHE A 1332 36.91 -7.90 42.58
N LYS A 1333 37.54 -8.89 41.93
CA LYS A 1333 36.97 -9.44 40.71
C LYS A 1333 35.64 -10.13 41.01
N ILE A 1334 35.57 -10.84 42.14
CA ILE A 1334 34.31 -11.42 42.59
C ILE A 1334 33.29 -10.32 42.87
N THR A 1335 33.74 -9.21 43.44
CA THR A 1335 32.84 -8.08 43.69
C THR A 1335 32.32 -7.47 42.39
N LEU A 1336 33.17 -7.40 41.36
CA LEU A 1336 32.73 -6.91 40.06
C LEU A 1336 31.71 -7.85 39.43
N ILE A 1337 31.94 -9.16 39.55
CA ILE A 1337 30.96 -10.14 39.06
C ILE A 1337 29.65 -10.00 39.83
N ALA A 1338 29.73 -9.76 41.14
CA ALA A 1338 28.53 -9.55 41.95
C ALA A 1338 27.79 -8.29 41.54
N PHE A 1339 28.53 -7.21 41.24
CA PHE A 1339 27.90 -5.98 40.76
C PHE A 1339 27.19 -6.21 39.43
N GLY A 1340 27.82 -6.98 38.53
CA GLY A 1340 27.17 -7.31 37.27
C GLY A 1340 25.90 -8.12 37.47
N PHE A 1341 25.95 -9.12 38.35
CA PHE A 1341 24.78 -9.95 38.61
C PHE A 1341 23.66 -9.16 39.27
N VAL A 1342 24.00 -8.29 40.22
CA VAL A 1342 23.01 -7.44 40.87
C VAL A 1342 22.40 -6.47 39.86
N TYR A 1343 23.21 -5.93 38.95
CA TYR A 1343 22.66 -5.10 37.89
C TYR A 1343 21.70 -5.88 37.00
N PHE A 1344 22.05 -7.12 36.67
CA PHE A 1344 21.16 -7.94 35.85
C PHE A 1344 19.83 -8.17 36.56
N LEU A 1345 19.89 -8.51 37.85
CA LEU A 1345 18.67 -8.75 38.62
C LEU A 1345 17.79 -7.50 38.68
N ILE A 1346 18.40 -6.35 39.00
CA ILE A 1346 17.64 -5.12 39.14
C ILE A 1346 17.07 -4.67 37.80
N ALA A 1347 17.87 -4.76 36.74
CA ALA A 1347 17.40 -4.34 35.42
C ALA A 1347 16.28 -5.24 34.91
N TRP A 1348 16.39 -6.55 35.11
CA TRP A 1348 15.32 -7.46 34.69
C TRP A 1348 14.05 -7.24 35.49
N THR A 1349 14.18 -7.07 36.82
CA THR A 1349 13.01 -6.82 37.66
C THR A 1349 12.36 -5.50 37.29
N GLY A 1350 13.16 -4.47 37.00
CA GLY A 1350 12.60 -3.22 36.56
C GLY A 1350 11.89 -3.32 35.23
N GLU A 1351 12.53 -3.96 34.25
CA GLU A 1351 11.96 -4.03 32.90
C GLU A 1351 10.66 -4.82 32.88
N HIS A 1352 10.59 -5.90 33.65
CA HIS A 1352 9.39 -6.72 33.61
C HIS A 1352 8.38 -6.39 34.71
N TYR A 1353 8.82 -6.06 35.92
CA TYR A 1353 7.92 -5.97 37.06
C TYR A 1353 7.77 -4.57 37.64
N LEU A 1354 8.70 -3.66 37.39
CA LEU A 1354 8.69 -2.39 38.12
C LEU A 1354 8.57 -1.16 37.24
N PHE A 1355 9.28 -1.10 36.10
CA PHE A 1355 9.25 0.13 35.31
C PHE A 1355 7.93 0.29 34.57
N LEU A 1356 7.23 -0.81 34.30
CA LEU A 1356 5.86 -0.70 33.80
C LEU A 1356 4.94 -0.10 34.86
N TRP A 1357 5.15 -0.46 36.13
CA TRP A 1357 4.40 0.16 37.22
C TRP A 1357 4.74 1.65 37.33
N LEU A 1358 6.01 2.01 37.12
CA LEU A 1358 6.39 3.42 37.13
C LEU A 1358 5.73 4.17 35.97
N ALA A 1359 5.67 3.55 34.79
CA ALA A 1359 5.00 4.17 33.66
C ALA A 1359 3.52 4.37 33.93
N ARG A 1360 2.89 3.39 34.58
CA ARG A 1360 1.49 3.53 34.97
C ARG A 1360 1.31 4.64 36.00
N PHE A 1361 2.29 4.79 36.91
CA PHE A 1361 2.23 5.85 37.92
C PHE A 1361 2.32 7.22 37.26
N LEU A 1362 3.25 7.39 36.31
CA LEU A 1362 3.33 8.65 35.58
C LEU A 1362 2.08 8.89 34.73
N GLY A 1363 1.49 7.84 34.17
CA GLY A 1363 0.21 8.02 33.48
C GLY A 1363 -0.90 8.45 34.41
N ARG A 1364 -0.88 7.95 35.65
CA ARG A 1364 -1.91 8.32 36.62
C ARG A 1364 -1.72 9.75 37.12
N MET A 1365 -0.47 10.19 37.25
CA MET A 1365 -0.19 11.55 37.68
C MET A 1365 -0.02 12.53 36.52
N ARG A 1366 -0.26 12.09 35.29
CA ARG A 1366 -0.25 13.00 34.15
C ARG A 1366 -1.35 14.05 34.27
N GLN A 1367 -2.57 13.62 34.57
CA GLN A 1367 -3.70 14.54 34.59
C GLN A 1367 -3.72 15.47 35.79
N ARG A 1368 -2.85 15.26 36.79
CA ARG A 1368 -2.79 16.19 37.90
C ARG A 1368 -2.18 17.54 37.50
N LEU A 1369 -1.45 17.59 36.39
CA LEU A 1369 -0.86 18.83 35.90
C LEU A 1369 -1.65 19.46 34.76
N PHE A 1370 -2.18 18.64 33.85
CA PHE A 1370 -2.96 19.09 32.69
C PHE A 1370 -4.03 18.01 32.52
N LYS A 1371 -5.19 18.23 33.15
CA LYS A 1371 -6.22 17.20 33.18
C LYS A 1371 -6.80 16.83 31.82
N GLN A 1372 -6.61 17.67 30.79
CA GLN A 1372 -7.21 17.45 29.48
C GLN A 1372 -6.84 16.06 28.95
N PRO A 1373 -7.82 15.18 28.71
CA PRO A 1373 -7.49 13.80 28.34
C PRO A 1373 -6.94 13.74 26.92
N LYS A 1374 -5.67 13.34 26.79
CA LYS A 1374 -5.03 13.08 25.50
C LYS A 1374 -5.97 12.33 24.56
N GLN A 1375 -6.07 12.80 23.33
CA GLN A 1375 -7.01 12.19 22.40
C GLN A 1375 -6.56 10.79 22.00
N ARG A 1376 -7.50 9.86 22.01
CA ARG A 1376 -7.26 8.50 21.55
C ARG A 1376 -7.42 8.47 20.03
N LYS A 1377 -7.45 7.27 19.46
CA LYS A 1377 -7.75 7.14 18.04
C LYS A 1377 -9.20 7.56 17.79
N LEU A 1378 -9.44 8.20 16.66
CA LEU A 1378 -10.79 8.68 16.35
C LEU A 1378 -11.76 7.51 16.17
N TYR A 1379 -11.30 6.42 15.55
CA TYR A 1379 -12.16 5.26 15.37
C TYR A 1379 -12.53 4.62 16.70
N LYS A 1380 -11.58 4.61 17.65
CA LYS A 1380 -11.90 4.09 18.99
C LYS A 1380 -12.94 4.94 19.68
N ILE A 1381 -12.82 6.27 19.59
CA ILE A 1381 -13.79 7.16 20.21
C ILE A 1381 -15.17 6.98 19.60
N VAL A 1382 -15.24 6.96 18.28
CA VAL A 1382 -16.53 6.81 17.60
C VAL A 1382 -17.15 5.46 17.92
N LYS A 1383 -16.35 4.40 17.92
CA LYS A 1383 -16.88 3.07 18.21
C LYS A 1383 -17.38 2.94 19.63
N GLU A 1384 -16.61 3.44 20.61
CA GLU A 1384 -17.04 3.33 22.00
C GLU A 1384 -18.27 4.20 22.29
N LYS A 1385 -18.32 5.40 21.71
CA LYS A 1385 -19.50 6.25 21.86
C LYS A 1385 -20.73 5.60 21.26
N LEU A 1386 -20.57 5.03 20.05
CA LEU A 1386 -21.69 4.39 19.37
C LEU A 1386 -22.17 3.14 20.11
N VAL A 1387 -21.26 2.36 20.68
CA VAL A 1387 -21.71 1.14 21.34
C VAL A 1387 -22.30 1.46 22.71
N PHE A 1388 -21.86 2.52 23.38
CA PHE A 1388 -22.37 2.78 24.72
C PHE A 1388 -23.55 3.75 24.70
N GLU A 1389 -23.33 4.99 24.28
CA GLU A 1389 -24.36 6.01 24.44
C GLU A 1389 -25.48 5.85 23.43
N ASN A 1390 -25.14 5.61 22.17
CA ASN A 1390 -26.15 5.53 21.12
C ASN A 1390 -26.92 4.22 21.14
N LEU A 1391 -26.39 3.18 21.78
CA LEU A 1391 -27.10 1.92 21.93
C LEU A 1391 -27.60 1.67 23.34
N TYR A 1392 -27.41 2.61 24.26
CA TYR A 1392 -28.00 2.53 25.59
C TYR A 1392 -29.10 3.57 25.79
N PHE A 1393 -29.70 4.06 24.71
CA PHE A 1393 -30.83 4.98 24.75
C PHE A 1393 -32.04 4.39 24.04
N GLN A 1394 -32.32 3.12 24.31
CA GLN A 1394 -33.46 2.44 23.69
C GLN A 1394 -34.78 2.96 24.26
N1 SPM B . 32.94 4.64 20.22
C2 SPM B . 32.87 6.09 20.17
C3 SPM B . 34.29 6.65 20.06
C4 SPM B . 35.11 6.23 21.28
N5 SPM B . 36.36 6.95 21.31
C6 SPM B . 37.24 6.43 20.27
C7 SPM B . 38.55 7.22 20.26
C8 SPM B . 39.34 6.90 21.53
C9 SPM B . 40.37 5.81 21.21
N10 SPM B . 41.67 6.40 21.01
C11 SPM B . 42.18 6.87 22.28
C12 SPM B . 43.65 6.47 22.42
C13 SPM B . 44.46 7.09 21.28
N14 SPM B . 45.85 6.72 21.43
#